data_4Q4Y
#
_entry.id   4Q4Y
#
_cell.length_a   304.479
_cell.length_b   365.298
_cell.length_c   366.488
_cell.angle_alpha   90.00
_cell.angle_beta   90.00
_cell.angle_gamma   90.00
#
_symmetry.space_group_name_H-M   'I 2 2 2'
#
loop_
_entity.id
_entity.type
_entity.pdbx_description
1 polymer 'Coxsackievirus capsid protein VP1'
2 polymer 'Coxsackievirus capsid protein VP2'
3 polymer 'Coxsackievirus capsid protein VP3'
4 polymer 'Coxsackievirus capsid protein VP4'
5 non-polymer 'N-acetyl-alpha-neuraminic acid'
6 non-polymer HEXANE-1,6-DIOL
7 non-polymer 'CALCIUM ION'
8 non-polymer 'CHLORIDE ION'
9 non-polymer 'MAGNESIUM ION'
10 non-polymer 'MYRISTIC ACID'
11 water water
#
loop_
_entity_poly.entity_id
_entity_poly.type
_entity_poly.pdbx_seq_one_letter_code
_entity_poly.pdbx_strand_id
1 'polypeptide(L)'
;GIEETIDTVITNALQLSQPKPQKQPTAQSTPLTSGVNSQEVPALTAVETGASGQAVPSDVIETRHVVNYKTRSESTLESF
FGRSACVTILEVENFNATTDADRKKQFTTWAITYTDTVQLRRKLEFFTYSRFDLEMTFVITERYYASNTGHARNQVYQLM
YIPPGAPRPTAWDDYTWQSSSNPSVFYTYGSAPPRMSIPYVGIANAYSHFYDGFARVPLKDETVDSGDTYYGLVTINDFG
TLAVRVVNEYNPARITSKIRVYMKPKHVRCWCPRPPRAVPYRGEGVDFKQDSITPLTAVENINTF
;
1
2 'polypeptide(L)'
;SPNVEACGYSDRVRQITLGNSTITTQEAANAVVAYGEWPSYLDDKEANPIDAPTEPDVSSNRFYTLDSVQWKSTSRGWWW
KLPDALKDMGMFGQNMYYHYLGRSGYTVHVQCNASKFHQGALGVFAIPEYVMACNTEAKTSYVSYVNANPGEKGGVFDNA
YNPSAEASEGRKFAALDYLLGCGVLAGNAFVYPHQIINLRTNNSATLVLPYVNSLAIDCMAKHNNWGLVILPLCKLDYAP
NSSTEIPITVTIAPMFTEFNGLRNITVPATQ
;
2
3 'polypeptide(L)'
;GLPTMLTPGSSQFLTSDDFQSPCALPNFDVTPPIHIPGEVFNMMELAEIDSMIPMNSVTGKANTMEMYPIPLDDKGSATP
IFSISLSPASDKRLQYTMLGEILNYYTHWTGSLRFTFLFCGSMMATGKILLSYSPPGAKPPTTRKDAMLGTHIIWDLGLQ
SSCTMLAPWISNTVYRRCIKDDFTEGGYITCFYQTRIVVPSGTPTSMFMLAFVSACPDFSVRLLRDTNHISQRTLFARAQ
;
3
4 'polypeptide(L)' MGAQVSSQKVGAHENTNVATGGSTVNYTTINYYKDSASNAASKLDFSQDPSKFTEPVKDIMIKTAPALN 4
#
# COMPACT_ATOMS: atom_id res chain seq x y z
N PRO A 25 4.05 9.78 24.68
CA PRO A 25 4.18 8.35 24.39
C PRO A 25 5.47 8.05 23.61
N THR A 26 6.22 7.07 24.09
CA THR A 26 7.52 6.74 23.54
C THR A 26 7.50 5.38 22.87
N ALA A 27 8.52 5.11 22.07
CA ALA A 27 8.77 3.76 21.66
C ALA A 27 9.18 2.88 22.87
N GLN A 28 9.15 1.58 22.60
CA GLN A 28 9.24 0.58 23.64
C GLN A 28 10.63 0.56 24.28
N SER A 29 10.63 0.59 25.60
CA SER A 29 11.83 0.44 26.40
C SER A 29 12.15 -1.07 26.47
N THR A 30 13.37 -1.44 26.80
CA THR A 30 13.77 -2.85 26.88
C THR A 30 13.93 -3.26 28.34
N PRO A 31 13.25 -4.34 28.76
CA PRO A 31 13.38 -4.78 30.15
C PRO A 31 14.66 -5.59 30.39
N LEU A 32 15.14 -5.56 31.63
CA LEU A 32 16.21 -6.43 32.08
C LEU A 32 15.71 -7.87 32.06
N THR A 33 16.34 -8.74 31.28
CA THR A 33 16.03 -10.18 31.30
C THR A 33 17.30 -11.00 31.24
N SER A 34 17.24 -12.16 31.85
CA SER A 34 18.28 -13.12 31.64
C SER A 34 17.78 -14.21 30.68
N GLY A 35 18.32 -15.42 30.90
CA GLY A 35 18.11 -16.57 30.05
C GLY A 35 16.92 -17.38 30.52
N VAL A 36 16.65 -18.46 29.80
CA VAL A 36 15.53 -19.34 30.10
C VAL A 36 15.92 -20.76 29.76
N ASN A 37 15.20 -21.70 30.35
CA ASN A 37 15.23 -23.10 29.94
C ASN A 37 13.83 -23.61 30.24
N SER A 38 12.99 -23.63 29.20
CA SER A 38 11.56 -23.57 29.42
C SER A 38 10.76 -24.18 28.28
N GLN A 39 9.56 -24.63 28.61
CA GLN A 39 8.57 -25.05 27.62
C GLN A 39 7.88 -23.86 26.94
N GLU A 40 8.14 -22.65 27.43
CA GLU A 40 7.70 -21.44 26.73
C GLU A 40 8.65 -21.14 25.60
N VAL A 41 8.14 -21.09 24.37
CA VAL A 41 8.97 -20.96 23.17
C VAL A 41 8.50 -19.78 22.30
N PRO A 42 8.78 -18.54 22.75
CA PRO A 42 8.38 -17.37 21.96
C PRO A 42 9.14 -17.21 20.65
N ALA A 43 10.27 -17.91 20.48
CA ALA A 43 11.02 -17.83 19.23
C ALA A 43 10.35 -18.52 18.05
N LEU A 44 9.44 -19.46 18.34
CA LEU A 44 8.68 -20.14 17.30
C LEU A 44 7.25 -19.61 17.17
N THR A 45 6.80 -19.63 15.92
CA THR A 45 5.44 -19.24 15.56
C THR A 45 5.02 -19.95 14.26
N ALA A 46 3.92 -19.50 13.68
CA ALA A 46 3.44 -20.03 12.41
C ALA A 46 2.81 -18.90 11.63
N VAL A 47 3.55 -18.35 10.67
CA VAL A 47 3.07 -17.18 9.92
C VAL A 47 1.98 -17.53 8.91
N GLU A 48 1.70 -18.83 8.72
CA GLU A 48 0.53 -19.28 7.95
C GLU A 48 -0.77 -18.65 8.48
N THR A 49 -0.79 -18.37 9.79
CA THR A 49 -1.95 -17.76 10.44
C THR A 49 -2.33 -16.39 9.90
N GLY A 50 -1.38 -15.72 9.25
CA GLY A 50 -1.57 -14.34 8.80
C GLY A 50 -1.00 -13.33 9.77
N ALA A 51 -0.54 -13.80 10.93
CA ALA A 51 0.17 -12.97 11.89
C ALA A 51 1.62 -12.86 11.46
N SER A 52 2.17 -11.64 11.56
CA SER A 52 3.59 -11.43 11.42
C SER A 52 4.32 -11.99 12.65
N GLY A 53 5.63 -12.20 12.53
CA GLY A 53 6.44 -12.49 13.70
C GLY A 53 6.22 -11.43 14.77
N GLN A 54 6.18 -11.87 16.03
CA GLN A 54 5.92 -10.98 17.16
C GLN A 54 7.08 -10.88 18.16
N ALA A 55 8.00 -11.85 18.16
CA ALA A 55 9.04 -11.89 19.18
C ALA A 55 9.92 -10.64 19.17
N VAL A 56 10.38 -10.25 20.36
CA VAL A 56 11.26 -9.10 20.53
C VAL A 56 12.56 -9.60 21.17
N PRO A 57 13.61 -8.76 21.24
CA PRO A 57 14.90 -9.27 21.72
C PRO A 57 14.89 -9.96 23.09
N SER A 58 14.13 -9.44 24.07
CA SER A 58 14.08 -10.04 25.41
C SER A 58 13.60 -11.52 25.44
N ASP A 59 12.85 -11.89 24.39
CA ASP A 59 12.37 -13.26 24.14
C ASP A 59 13.46 -14.25 23.72
N VAL A 60 14.54 -13.75 23.12
CA VAL A 60 15.56 -14.63 22.52
C VAL A 60 17.02 -14.33 22.92
N ILE A 61 17.23 -13.27 23.69
CA ILE A 61 18.54 -12.97 24.28
C ILE A 61 18.38 -12.47 25.72
N GLU A 62 19.53 -12.42 26.40
CA GLU A 62 19.65 -11.71 27.66
C GLU A 62 19.79 -10.23 27.34
N THR A 63 18.95 -9.42 27.98
CA THR A 63 18.90 -7.98 27.72
C THR A 63 19.15 -7.20 29.01
N ARG A 64 19.76 -6.02 28.86
CA ARG A 64 19.80 -5.06 29.96
C ARG A 64 18.52 -4.23 29.90
N HIS A 65 18.26 -3.49 30.98
CA HIS A 65 17.23 -2.48 30.96
C HIS A 65 17.74 -1.25 30.21
N VAL A 66 16.98 -0.81 29.22
CA VAL A 66 17.24 0.45 28.53
C VAL A 66 15.95 1.25 28.50
N VAL A 67 15.98 2.44 29.07
CA VAL A 67 14.83 3.33 29.02
C VAL A 67 14.83 4.02 27.66
N ASN A 68 13.72 3.87 26.93
CA ASN A 68 13.54 4.48 25.63
C ASN A 68 12.63 5.71 25.76
N TYR A 69 13.29 6.86 25.59
CA TYR A 69 12.70 8.20 25.58
C TYR A 69 12.36 8.69 24.17
N LYS A 70 12.70 7.89 23.15
CA LYS A 70 12.50 8.31 21.76
C LYS A 70 11.04 8.11 21.36
N THR A 71 10.54 8.95 20.47
CA THR A 71 9.14 8.89 20.04
C THR A 71 9.02 8.72 18.53
N ARG A 72 7.83 8.29 18.11
CA ARG A 72 7.49 8.14 16.71
C ARG A 72 6.77 9.37 16.14
N SER A 73 7.15 10.56 16.65
CA SER A 73 6.50 11.81 16.27
C SER A 73 6.55 12.09 14.76
N GLU A 74 7.67 11.81 14.13
CA GLU A 74 7.87 12.23 12.75
C GLU A 74 7.33 11.24 11.72
N SER A 75 6.77 10.12 12.19
CA SER A 75 6.14 9.15 11.31
C SER A 75 4.61 9.06 11.50
N THR A 76 4.02 9.96 12.29
CA THR A 76 2.57 10.12 12.27
C THR A 76 2.18 10.51 10.85
N LEU A 77 0.93 10.26 10.46
CA LEU A 77 0.49 10.63 9.11
C LEU A 77 0.61 12.13 8.87
N GLU A 78 0.27 12.94 9.87
CA GLU A 78 0.37 14.38 9.72
C GLU A 78 1.82 14.80 9.44
N SER A 79 2.77 14.17 10.14
CA SER A 79 4.19 14.48 9.94
C SER A 79 4.70 13.98 8.60
N PHE A 80 4.31 12.76 8.22
CA PHE A 80 4.71 12.16 6.95
C PHE A 80 4.23 13.00 5.76
N PHE A 81 3.01 13.53 5.86
CA PHE A 81 2.42 14.32 4.76
C PHE A 81 2.56 15.83 4.93
N GLY A 82 3.19 16.29 6.00
CA GLY A 82 3.24 17.72 6.35
C GLY A 82 4.25 18.53 5.57
N ARG A 83 4.13 18.48 4.24
CA ARG A 83 5.03 19.17 3.32
C ARG A 83 4.23 19.65 2.12
N SER A 84 4.54 20.84 1.61
CA SER A 84 4.01 21.29 0.32
C SER A 84 4.87 20.67 -0.78
N ALA A 85 4.24 19.89 -1.65
CA ALA A 85 4.91 19.20 -2.74
C ALA A 85 4.46 19.78 -4.06
N CYS A 86 5.37 19.95 -5.01
CA CYS A 86 4.99 20.42 -6.34
C CYS A 86 4.23 19.32 -7.06
N VAL A 87 3.04 19.66 -7.58
CA VAL A 87 2.21 18.69 -8.29
C VAL A 87 2.07 18.97 -9.79
N THR A 88 2.38 20.19 -10.24
CA THR A 88 2.43 20.47 -11.67
C THR A 88 3.13 21.79 -11.96
N ILE A 89 3.47 21.98 -13.23
CA ILE A 89 4.04 23.21 -13.73
C ILE A 89 3.16 23.66 -14.90
N LEU A 90 2.57 24.84 -14.79
CA LEU A 90 1.75 25.42 -15.84
C LEU A 90 2.52 26.55 -16.51
N GLU A 91 2.14 26.87 -17.74
CA GLU A 91 2.76 27.93 -18.50
C GLU A 91 1.71 28.90 -19.00
N VAL A 92 1.99 30.19 -18.95
CA VAL A 92 1.13 31.20 -19.55
C VAL A 92 2.03 32.31 -20.08
N GLU A 93 1.55 33.04 -21.08
CA GLU A 93 2.31 34.12 -21.69
C GLU A 93 1.46 35.37 -21.85
N ASN A 94 2.13 36.49 -22.09
CA ASN A 94 1.47 37.75 -22.37
C ASN A 94 2.18 38.43 -23.53
N PHE A 95 1.52 38.44 -24.68
CA PHE A 95 2.02 39.14 -25.86
C PHE A 95 0.87 39.36 -26.85
N ASN A 96 1.13 40.18 -27.86
CA ASN A 96 0.12 40.47 -28.88
C ASN A 96 -0.08 39.27 -29.79
N ALA A 97 -1.12 38.49 -29.52
CA ALA A 97 -1.36 37.24 -30.24
C ALA A 97 -2.21 37.50 -31.48
N THR A 98 -1.73 37.05 -32.63
CA THR A 98 -2.42 37.25 -33.92
C THR A 98 -2.90 35.94 -34.57
N THR A 99 -2.54 34.78 -34.00
CA THR A 99 -3.03 33.48 -34.47
C THR A 99 -3.79 32.78 -33.36
N ASP A 100 -4.58 31.78 -33.74
CA ASP A 100 -5.35 31.00 -32.77
C ASP A 100 -4.43 30.31 -31.76
N ALA A 101 -3.33 29.72 -32.24
CA ALA A 101 -2.37 29.07 -31.36
C ALA A 101 -1.76 30.04 -30.34
N ASP A 102 -1.45 31.25 -30.79
CA ASP A 102 -0.88 32.26 -29.89
C ASP A 102 -1.92 32.84 -28.92
N ARG A 103 -3.17 32.94 -29.35
CA ARG A 103 -4.26 33.35 -28.46
C ARG A 103 -4.44 32.36 -27.31
N LYS A 104 -4.26 31.07 -27.60
CA LYS A 104 -4.36 30.03 -26.58
C LYS A 104 -3.19 30.01 -25.61
N LYS A 105 -2.10 30.72 -25.92
CA LYS A 105 -0.99 30.87 -24.99
C LYS A 105 -1.21 31.96 -23.93
N GLN A 106 -2.25 32.77 -24.10
CA GLN A 106 -2.53 33.89 -23.19
C GLN A 106 -3.23 33.45 -21.89
N PHE A 107 -3.67 32.20 -21.84
CA PHE A 107 -4.25 31.62 -20.65
C PHE A 107 -4.05 30.11 -20.72
N THR A 108 -4.22 29.43 -19.59
CA THR A 108 -4.09 27.97 -19.55
CA THR A 108 -4.12 27.97 -19.54
C THR A 108 -5.14 27.39 -18.60
N THR A 109 -5.52 26.16 -18.87
CA THR A 109 -6.44 25.43 -18.01
C THR A 109 -5.80 24.09 -17.68
N TRP A 110 -6.02 23.62 -16.46
CA TRP A 110 -5.40 22.40 -15.97
C TRP A 110 -6.41 21.63 -15.14
N ALA A 111 -6.67 20.37 -15.50
CA ALA A 111 -7.51 19.50 -14.69
C ALA A 111 -6.77 19.16 -13.41
N ILE A 112 -7.36 19.51 -12.27
CA ILE A 112 -6.68 19.41 -10.99
C ILE A 112 -6.48 17.94 -10.62
N THR A 113 -5.25 17.60 -10.26
CA THR A 113 -4.83 16.23 -9.99
C THR A 113 -3.47 16.24 -9.30
N TYR A 114 -3.10 15.11 -8.71
CA TYR A 114 -1.75 14.92 -8.16
C TYR A 114 -0.91 13.97 -9.03
N THR A 115 -1.44 13.56 -10.18
CA THR A 115 -0.78 12.57 -11.03
C THR A 115 0.17 13.11 -12.10
N ASP A 116 0.32 14.43 -12.23
CA ASP A 116 1.34 14.98 -13.14
C ASP A 116 2.75 14.72 -12.62
N THR A 117 2.90 14.62 -11.31
CA THR A 117 4.20 14.36 -10.69
C THR A 117 4.13 13.04 -9.91
N VAL A 118 5.28 12.57 -9.43
CA VAL A 118 5.37 11.23 -8.85
C VAL A 118 5.58 11.18 -7.34
N GLN A 119 6.16 12.22 -6.74
CA GLN A 119 6.60 12.11 -5.35
C GLN A 119 5.45 12.12 -4.34
N LEU A 120 4.59 13.13 -4.39
CA LEU A 120 3.44 13.17 -3.48
C LEU A 120 2.52 11.98 -3.78
N ARG A 121 2.29 11.74 -5.07
CA ARG A 121 1.45 10.63 -5.49
C ARG A 121 1.85 9.31 -4.84
N ARG A 122 3.13 8.99 -4.89
CA ARG A 122 3.62 7.73 -4.32
C ARG A 122 3.36 7.64 -2.83
N LYS A 123 3.54 8.75 -2.12
CA LYS A 123 3.29 8.79 -0.68
C LYS A 123 1.82 8.56 -0.35
N LEU A 124 0.93 9.26 -1.06
CA LEU A 124 -0.50 9.06 -0.89
C LEU A 124 -0.91 7.61 -1.16
N GLU A 125 -0.26 6.99 -2.15
CA GLU A 125 -0.61 5.64 -2.59
C GLU A 125 -0.06 4.51 -1.70
N PHE A 126 0.58 4.85 -0.59
CA PHE A 126 0.72 3.90 0.52
C PHE A 126 -0.67 3.54 1.10
N PHE A 127 -1.70 4.30 0.75
CA PHE A 127 -3.04 4.12 1.29
C PHE A 127 -4.10 4.04 0.20
N THR A 128 -5.16 3.31 0.52
CA THR A 128 -6.26 3.11 -0.41
C THR A 128 -7.23 4.28 -0.35
N TYR A 129 -7.49 4.78 0.85
CA TYR A 129 -8.43 5.88 1.09
C TYR A 129 -7.81 6.93 1.98
N SER A 130 -8.21 8.17 1.79
CA SER A 130 -7.75 9.27 2.62
C SER A 130 -8.81 10.34 2.79
N ARG A 131 -8.61 11.15 3.80
CA ARG A 131 -9.46 12.28 4.07
C ARG A 131 -8.56 13.37 4.61
N PHE A 132 -8.57 14.53 3.96
CA PHE A 132 -7.73 15.65 4.37
C PHE A 132 -8.22 16.96 3.79
N ASP A 133 -7.86 18.04 4.46
CA ASP A 133 -7.95 19.38 3.90
C ASP A 133 -6.66 19.61 3.13
N LEU A 134 -6.65 20.60 2.26
CA LEU A 134 -5.51 20.88 1.40
C LEU A 134 -5.04 22.30 1.56
N GLU A 135 -3.74 22.49 1.71
CA GLU A 135 -3.14 23.79 1.52
C GLU A 135 -2.54 23.84 0.14
N MET A 136 -2.99 24.82 -0.65
CA MET A 136 -2.41 25.04 -1.96
CA MET A 136 -2.48 25.09 -2.00
C MET A 136 -1.57 26.32 -1.96
N THR A 137 -0.36 26.19 -2.49
CA THR A 137 0.57 27.31 -2.60
C THR A 137 1.06 27.36 -4.05
N PHE A 138 1.41 28.54 -4.53
CA PHE A 138 1.86 28.71 -5.92
C PHE A 138 3.15 29.51 -5.99
N VAL A 139 4.04 29.10 -6.88
CA VAL A 139 5.27 29.85 -7.14
C VAL A 139 5.23 30.27 -8.60
N ILE A 140 5.29 31.58 -8.83
CA ILE A 140 5.14 32.16 -10.14
C ILE A 140 6.42 32.89 -10.56
N THR A 141 6.92 32.52 -11.74
CA THR A 141 8.18 33.05 -12.27
C THR A 141 8.00 33.51 -13.71
N GLU A 142 8.82 34.49 -14.11
CA GLU A 142 8.80 35.05 -15.46
C GLU A 142 10.19 35.14 -16.05
N ARG A 143 10.24 35.20 -17.37
CA ARG A 143 11.42 35.66 -18.09
C ARG A 143 11.01 36.42 -19.34
N TYR A 144 11.90 37.30 -19.80
CA TYR A 144 11.74 37.94 -21.10
C TYR A 144 11.97 36.92 -22.20
N TYR A 145 11.07 36.91 -23.18
CA TYR A 145 11.24 36.09 -24.38
C TYR A 145 12.38 36.61 -25.27
N ALA A 146 12.55 37.93 -25.35
CA ALA A 146 13.56 38.56 -26.22
C ALA A 146 14.01 39.89 -25.65
N SER A 147 15.07 40.50 -26.20
CA SER A 147 15.62 41.73 -25.61
C SER A 147 15.52 42.99 -26.47
N ASN A 148 15.01 42.86 -27.69
CA ASN A 148 14.95 44.00 -28.63
C ASN A 148 13.55 44.61 -28.75
N THR A 149 12.68 44.33 -27.77
CA THR A 149 11.27 44.68 -27.83
C THR A 149 10.83 45.47 -26.60
N GLY A 150 11.75 46.21 -26.00
CA GLY A 150 11.42 47.08 -24.88
C GLY A 150 11.16 46.29 -23.62
N HIS A 151 10.32 46.83 -22.75
CA HIS A 151 10.09 46.22 -21.45
C HIS A 151 8.60 45.96 -21.16
N ALA A 152 8.30 45.54 -19.93
CA ALA A 152 6.97 45.11 -19.57
C ALA A 152 6.69 45.53 -18.14
N ARG A 153 5.51 46.07 -17.92
CA ARG A 153 5.11 46.51 -16.58
C ARG A 153 4.80 45.29 -15.72
N ASN A 154 4.87 45.47 -14.41
CA ASN A 154 4.68 44.35 -13.50
C ASN A 154 3.30 43.71 -13.70
N GLN A 155 3.28 42.39 -13.75
CA GLN A 155 2.08 41.65 -14.14
C GLN A 155 1.28 41.13 -12.93
N VAL A 156 -0.04 41.16 -13.10
CA VAL A 156 -0.96 40.57 -12.15
C VAL A 156 -1.53 39.31 -12.79
N TYR A 157 -1.59 38.24 -12.01
CA TYR A 157 -2.09 36.94 -12.45
C TYR A 157 -3.43 36.67 -11.80
N GLN A 158 -4.32 36.01 -12.54
CA GLN A 158 -5.55 35.48 -11.98
C GLN A 158 -5.52 33.96 -12.07
N LEU A 159 -5.70 33.31 -10.93
CA LEU A 159 -5.84 31.87 -10.85
C LEU A 159 -7.27 31.60 -10.40
N MET A 160 -8.07 31.03 -11.30
CA MET A 160 -9.48 30.79 -11.05
C MET A 160 -9.76 29.31 -10.94
N TYR A 161 -10.38 28.90 -9.84
CA TYR A 161 -10.83 27.53 -9.66
C TYR A 161 -12.21 27.40 -10.28
N ILE A 162 -12.32 26.53 -11.29
CA ILE A 162 -13.56 26.28 -12.01
C ILE A 162 -14.08 24.90 -11.60
N PRO A 163 -15.07 24.87 -10.69
CA PRO A 163 -15.62 23.57 -10.31
C PRO A 163 -16.34 22.91 -11.49
N PRO A 164 -16.46 21.58 -11.48
CA PRO A 164 -17.13 20.88 -12.58
C PRO A 164 -18.49 21.48 -12.89
N GLY A 165 -18.71 21.81 -14.16
CA GLY A 165 -19.96 22.41 -14.61
C GLY A 165 -19.86 23.90 -14.94
N ALA A 166 -19.00 24.62 -14.23
CA ALA A 166 -18.84 26.05 -14.49
C ALA A 166 -18.18 26.27 -15.85
N PRO A 167 -18.52 27.37 -16.54
CA PRO A 167 -18.00 27.57 -17.89
C PRO A 167 -16.49 27.79 -17.93
N ARG A 168 -15.83 27.17 -18.89
CA ARG A 168 -14.39 27.30 -19.02
C ARG A 168 -14.04 28.39 -20.05
N PRO A 169 -12.97 29.15 -19.80
CA PRO A 169 -12.62 30.23 -20.71
C PRO A 169 -12.19 29.70 -22.08
N THR A 170 -12.53 30.43 -23.14
CA THR A 170 -12.00 30.18 -24.47
C THR A 170 -11.04 31.29 -24.92
N ALA A 171 -10.96 32.36 -24.15
CA ALA A 171 -9.99 33.43 -24.39
C ALA A 171 -9.59 34.02 -23.04
N TRP A 172 -8.42 34.65 -23.01
CA TRP A 172 -7.88 35.19 -21.76
C TRP A 172 -8.73 36.34 -21.18
N ASP A 173 -9.54 36.97 -22.03
CA ASP A 173 -10.35 38.13 -21.63
C ASP A 173 -11.84 37.92 -21.87
N ASP A 174 -12.31 36.68 -21.88
CA ASP A 174 -13.75 36.44 -22.00
C ASP A 174 -14.47 36.65 -20.65
N TYR A 175 -15.79 36.51 -20.68
CA TYR A 175 -16.63 36.83 -19.53
C TYR A 175 -16.40 35.94 -18.30
N THR A 176 -15.85 34.74 -18.49
CA THR A 176 -15.72 33.78 -17.37
C THR A 176 -14.84 34.30 -16.25
N TRP A 177 -13.87 35.15 -16.57
CA TRP A 177 -12.91 35.63 -15.59
C TRP A 177 -13.51 36.62 -14.58
N GLN A 178 -14.72 37.11 -14.84
CA GLN A 178 -15.38 37.98 -13.86
C GLN A 178 -15.65 37.22 -12.56
N SER A 179 -15.73 35.90 -12.64
CA SER A 179 -15.61 35.00 -11.48
C SER A 179 -16.49 35.41 -10.31
N SER A 180 -17.79 35.59 -10.56
CA SER A 180 -18.71 36.02 -9.50
C SER A 180 -18.86 34.99 -8.39
N SER A 181 -18.65 33.72 -8.72
CA SER A 181 -18.95 32.63 -7.81
C SER A 181 -17.78 31.66 -7.62
N ASN A 182 -17.12 31.30 -8.71
CA ASN A 182 -15.84 30.60 -8.65
C ASN A 182 -14.86 31.38 -7.77
N PRO A 183 -14.07 30.67 -6.93
CA PRO A 183 -13.00 31.40 -6.26
C PRO A 183 -11.85 31.72 -7.21
N SER A 184 -11.38 32.96 -7.16
CA SER A 184 -10.18 33.36 -7.89
C SER A 184 -9.19 33.98 -6.91
N VAL A 185 -7.91 33.84 -7.22
CA VAL A 185 -6.90 34.62 -6.51
C VAL A 185 -6.15 35.48 -7.52
N PHE A 186 -6.03 36.76 -7.19
CA PHE A 186 -5.24 37.70 -7.96
C PHE A 186 -3.91 37.88 -7.25
N TYR A 187 -2.84 37.55 -7.99
CA TYR A 187 -1.49 37.56 -7.48
C TYR A 187 -0.66 38.60 -8.23
N THR A 188 0.07 39.42 -7.49
CA THR A 188 0.91 40.46 -8.06
C THR A 188 2.36 39.99 -8.10
N TYR A 189 2.95 39.95 -9.29
CA TYR A 189 4.31 39.41 -9.44
C TYR A 189 5.29 40.06 -8.47
N GLY A 190 6.10 39.23 -7.82
CA GLY A 190 7.08 39.71 -6.84
C GLY A 190 6.59 39.61 -5.40
N SER A 191 5.28 39.48 -5.20
CA SER A 191 4.71 39.33 -3.86
C SER A 191 4.92 37.91 -3.38
N ALA A 192 4.66 37.70 -2.08
CA ALA A 192 4.78 36.38 -1.47
C ALA A 192 3.97 35.35 -2.26
N PRO A 193 4.49 34.12 -2.39
CA PRO A 193 3.72 33.06 -3.01
C PRO A 193 2.29 33.00 -2.46
N PRO A 194 1.28 33.01 -3.34
CA PRO A 194 -0.10 32.99 -2.87
C PRO A 194 -0.48 31.62 -2.31
N ARG A 195 -1.47 31.61 -1.43
CA ARG A 195 -1.83 30.42 -0.68
C ARG A 195 -3.27 30.46 -0.18
N MET A 196 -3.93 29.31 -0.26
CA MET A 196 -5.28 29.14 0.25
C MET A 196 -5.51 27.71 0.69
N SER A 197 -6.45 27.54 1.60
CA SER A 197 -6.85 26.22 2.07
C SER A 197 -8.11 25.77 1.35
N ILE A 198 -8.21 24.46 1.13
CA ILE A 198 -9.37 23.84 0.52
C ILE A 198 -9.85 22.77 1.51
N PRO A 199 -11.16 22.73 1.80
CA PRO A 199 -11.65 21.66 2.68
C PRO A 199 -11.57 20.28 2.03
N TYR A 200 -11.81 19.25 2.82
CA TYR A 200 -12.11 17.94 2.26
C TYR A 200 -13.38 18.07 1.39
N VAL A 201 -13.24 17.94 0.07
CA VAL A 201 -14.35 18.20 -0.86
C VAL A 201 -14.93 16.95 -1.52
N GLY A 202 -14.48 15.77 -1.11
CA GLY A 202 -14.93 14.53 -1.74
C GLY A 202 -16.43 14.33 -1.61
N ILE A 203 -17.03 13.75 -2.64
CA ILE A 203 -18.46 13.40 -2.62
C ILE A 203 -18.72 12.05 -1.95
N ALA A 204 -17.66 11.31 -1.66
CA ALA A 204 -17.74 10.13 -0.81
C ALA A 204 -17.24 10.52 0.58
N ASN A 205 -17.22 9.55 1.49
CA ASN A 205 -16.82 9.82 2.89
C ASN A 205 -15.31 9.86 3.06
N ALA A 206 -14.59 9.43 2.03
CA ALA A 206 -13.14 9.62 1.91
C ALA A 206 -12.81 9.72 0.43
N TYR A 207 -11.62 10.25 0.12
CA TYR A 207 -11.07 10.14 -1.23
C TYR A 207 -10.65 8.70 -1.46
N SER A 208 -10.82 8.22 -2.69
CA SER A 208 -10.28 6.93 -3.10
C SER A 208 -9.02 7.18 -3.93
N HIS A 209 -7.91 6.54 -3.54
CA HIS A 209 -6.69 6.59 -4.33
C HIS A 209 -6.69 5.50 -5.39
N PHE A 210 -7.56 4.52 -5.22
CA PHE A 210 -7.71 3.39 -6.14
C PHE A 210 -9.20 3.05 -6.20
N TYR A 211 -9.70 2.79 -7.40
CA TYR A 211 -11.10 2.43 -7.62
C TYR A 211 -11.17 1.29 -8.63
N ASP A 212 -11.47 0.09 -8.14
CA ASP A 212 -11.52 -1.09 -9.00
C ASP A 212 -12.89 -1.22 -9.65
N GLY A 213 -13.14 -0.37 -10.63
CA GLY A 213 -14.43 -0.35 -11.26
C GLY A 213 -14.59 0.65 -12.37
N PHE A 214 -15.84 0.87 -12.75
CA PHE A 214 -16.22 1.66 -13.90
C PHE A 214 -17.25 2.71 -13.50
N ALA A 215 -17.48 3.67 -14.38
CA ALA A 215 -18.44 4.75 -14.13
C ALA A 215 -19.87 4.34 -14.45
N ARG A 216 -20.05 3.36 -15.33
CA ARG A 216 -21.37 2.84 -15.66
C ARG A 216 -21.31 1.36 -16.00
N VAL A 217 -22.45 0.69 -15.87
CA VAL A 217 -22.58 -0.72 -16.24
C VAL A 217 -22.97 -0.79 -17.71
N PRO A 218 -22.12 -1.40 -18.55
CA PRO A 218 -22.54 -1.64 -19.93
C PRO A 218 -23.52 -2.80 -19.95
N LEU A 219 -24.62 -2.64 -20.67
CA LEU A 219 -25.72 -3.59 -20.63
C LEU A 219 -25.82 -4.43 -21.89
N LYS A 220 -26.43 -5.60 -21.74
CA LYS A 220 -26.62 -6.58 -22.81
C LYS A 220 -27.20 -5.94 -24.06
N ASP A 221 -26.53 -6.15 -25.19
CA ASP A 221 -27.00 -5.72 -26.53
C ASP A 221 -27.17 -4.21 -26.74
N GLU A 222 -26.64 -3.38 -25.85
CA GLU A 222 -26.73 -1.92 -26.03
C GLU A 222 -25.81 -1.52 -27.19
N THR A 223 -26.11 -0.40 -27.83
CA THR A 223 -25.31 0.09 -28.96
C THR A 223 -24.15 0.99 -28.55
N VAL A 224 -24.08 1.35 -27.28
CA VAL A 224 -22.99 2.17 -26.74
C VAL A 224 -21.65 1.48 -26.96
N ASP A 225 -20.62 2.26 -27.35
CA ASP A 225 -19.29 1.72 -27.60
C ASP A 225 -18.65 1.12 -26.35
N SER A 226 -18.10 -0.10 -26.48
CA SER A 226 -17.36 -0.75 -25.39
C SER A 226 -15.89 -0.99 -25.73
N GLY A 227 -15.47 -0.53 -26.92
CA GLY A 227 -14.11 -0.73 -27.39
C GLY A 227 -13.11 0.36 -26.99
N ASP A 228 -13.61 1.54 -26.63
CA ASP A 228 -12.74 2.67 -26.29
C ASP A 228 -13.03 3.26 -24.90
N THR A 229 -13.65 2.47 -24.04
CA THR A 229 -13.93 2.87 -22.66
C THR A 229 -12.75 2.59 -21.74
N TYR A 230 -12.68 3.33 -20.65
CA TYR A 230 -11.57 3.26 -19.72
C TYR A 230 -11.99 2.57 -18.42
N TYR A 231 -11.06 2.46 -17.48
CA TYR A 231 -11.22 1.68 -16.27
C TYR A 231 -10.58 2.42 -15.10
N GLY A 232 -11.22 2.33 -13.94
CA GLY A 232 -10.65 2.83 -12.71
C GLY A 232 -10.96 4.28 -12.41
N LEU A 233 -10.15 4.85 -11.52
CA LEU A 233 -10.40 6.16 -10.94
C LEU A 233 -10.54 7.27 -11.99
N VAL A 234 -9.82 7.15 -13.10
CA VAL A 234 -9.90 8.14 -14.17
C VAL A 234 -11.31 8.26 -14.77
N THR A 235 -12.12 7.21 -14.66
CA THR A 235 -13.50 7.25 -15.19
C THR A 235 -14.48 7.97 -14.26
N ILE A 236 -14.10 8.20 -13.01
CA ILE A 236 -15.03 8.78 -12.02
C ILE A 236 -14.54 10.07 -11.33
N ASN A 237 -13.25 10.36 -11.37
CA ASN A 237 -12.69 11.52 -10.66
C ASN A 237 -12.88 12.79 -11.45
N ASP A 238 -13.20 13.87 -10.75
CA ASP A 238 -13.25 15.20 -11.35
C ASP A 238 -13.18 16.24 -10.24
N PHE A 239 -12.01 16.85 -10.08
CA PHE A 239 -11.83 17.89 -9.07
C PHE A 239 -11.88 19.30 -9.66
N GLY A 240 -12.37 19.40 -10.90
CA GLY A 240 -12.48 20.70 -11.56
C GLY A 240 -11.18 21.11 -12.24
N THR A 241 -11.12 22.40 -12.55
CA THR A 241 -10.09 22.94 -13.42
C THR A 241 -9.51 24.20 -12.79
N LEU A 242 -8.19 24.37 -12.89
CA LEU A 242 -7.55 25.63 -12.57
C LEU A 242 -7.30 26.36 -13.88
N ALA A 243 -7.80 27.59 -13.97
CA ALA A 243 -7.55 28.45 -15.13
C ALA A 243 -6.66 29.62 -14.71
N VAL A 244 -5.64 29.89 -15.49
CA VAL A 244 -4.68 30.95 -15.17
C VAL A 244 -4.51 31.89 -16.34
N ARG A 245 -4.47 33.19 -16.06
CA ARG A 245 -4.14 34.21 -17.05
C ARG A 245 -3.26 35.28 -16.44
N VAL A 246 -2.58 36.03 -17.30
CA VAL A 246 -2.06 37.33 -16.94
C VAL A 246 -3.20 38.32 -17.22
N VAL A 247 -3.50 39.14 -16.23
CA VAL A 247 -4.62 40.10 -16.33
C VAL A 247 -4.24 41.28 -17.22
N ASN A 248 -2.98 41.68 -17.21
CA ASN A 248 -2.49 42.80 -18.02
C ASN A 248 -2.67 42.55 -19.51
N GLU A 249 -2.96 43.60 -20.26
CA GLU A 249 -2.83 43.56 -21.72
C GLU A 249 -1.35 43.46 -22.11
N TYR A 250 -1.10 43.20 -23.39
CA TYR A 250 0.25 42.95 -23.88
C TYR A 250 1.15 44.19 -23.87
N ASN A 251 2.42 43.95 -23.54
CA ASN A 251 3.49 44.92 -23.73
C ASN A 251 4.17 44.63 -25.05
N PRO A 252 5.04 45.55 -25.53
CA PRO A 252 5.85 45.21 -26.69
C PRO A 252 6.75 44.00 -26.44
N ALA A 253 7.25 43.87 -25.21
CA ALA A 253 8.06 42.73 -24.81
C ALA A 253 7.18 41.55 -24.39
N ARG A 254 7.36 40.43 -25.07
CA ARG A 254 6.68 39.18 -24.72
C ARG A 254 7.26 38.62 -23.41
N ILE A 255 6.38 38.30 -22.47
CA ILE A 255 6.77 37.71 -21.19
C ILE A 255 6.18 36.30 -21.12
N THR A 256 7.02 35.33 -20.76
CA THR A 256 6.56 33.96 -20.57
C THR A 256 6.69 33.63 -19.08
N SER A 257 5.69 32.91 -18.57
CA SER A 257 5.58 32.65 -17.14
C SER A 257 5.39 31.17 -16.87
N LYS A 258 5.89 30.73 -15.71
CA LYS A 258 5.59 29.41 -15.18
C LYS A 258 4.87 29.58 -13.84
N ILE A 259 3.88 28.72 -13.61
CA ILE A 259 3.16 28.65 -12.35
C ILE A 259 3.33 27.24 -11.83
N ARG A 260 4.06 27.11 -10.73
CA ARG A 260 4.21 25.83 -10.05
C ARG A 260 3.16 25.73 -8.97
N VAL A 261 2.45 24.61 -8.96
CA VAL A 261 1.34 24.38 -8.03
C VAL A 261 1.81 23.40 -6.96
N TYR A 262 1.59 23.77 -5.70
CA TYR A 262 2.01 22.97 -4.54
C TYR A 262 0.79 22.53 -3.72
N MET A 263 0.83 21.29 -3.25
CA MET A 263 -0.21 20.73 -2.40
C MET A 263 0.39 20.17 -1.11
N LYS A 264 -0.25 20.50 0.01
CA LYS A 264 0.03 19.88 1.30
C LYS A 264 -1.25 19.35 1.91
N PRO A 265 -1.38 18.02 2.03
CA PRO A 265 -2.50 17.49 2.79
C PRO A 265 -2.34 17.83 4.26
N LYS A 266 -3.40 18.34 4.88
CA LYS A 266 -3.39 18.56 6.33
C LYS A 266 -4.67 18.05 6.97
N HIS A 267 -4.60 17.83 8.28
CA HIS A 267 -5.68 17.23 9.05
C HIS A 267 -6.01 15.87 8.44
N VAL A 268 -4.99 15.03 8.36
CA VAL A 268 -4.99 13.84 7.52
C VAL A 268 -5.46 12.58 8.26
N ARG A 269 -6.33 11.81 7.60
CA ARG A 269 -6.61 10.44 7.98
C ARG A 269 -6.45 9.55 6.76
N CYS A 270 -5.96 8.33 6.95
CA CYS A 270 -5.79 7.36 5.86
C CYS A 270 -6.17 5.96 6.32
N TRP A 271 -6.60 5.14 5.35
CA TRP A 271 -7.05 3.78 5.60
C TRP A 271 -6.50 2.80 4.58
N CYS A 272 -6.29 1.56 5.03
CA CYS A 272 -6.00 0.41 4.18
C CYS A 272 -4.66 0.52 3.46
N PRO A 273 -3.57 0.17 4.17
CA PRO A 273 -2.24 0.36 3.59
C PRO A 273 -1.96 -0.56 2.41
N ARG A 274 -1.06 -0.11 1.56
CA ARG A 274 -0.70 -0.80 0.32
C ARG A 274 0.81 -0.84 0.17
N PRO A 275 1.32 -1.84 -0.56
CA PRO A 275 2.72 -1.78 -0.97
C PRO A 275 2.95 -0.54 -1.80
N PRO A 276 4.10 0.13 -1.63
CA PRO A 276 4.36 1.33 -2.42
C PRO A 276 4.74 1.01 -3.86
N ARG A 277 4.54 1.99 -4.73
CA ARG A 277 4.91 1.89 -6.13
C ARG A 277 6.39 1.49 -6.30
N ALA A 278 6.64 0.38 -6.99
CA ALA A 278 7.99 -0.19 -7.10
C ALA A 278 8.67 0.11 -8.44
N VAL A 279 7.88 0.47 -9.45
CA VAL A 279 8.39 0.72 -10.80
C VAL A 279 7.80 2.02 -11.33
N PRO A 280 8.41 2.63 -12.35
CA PRO A 280 7.91 3.91 -12.83
C PRO A 280 6.43 3.90 -13.23
N TYR A 281 5.75 5.01 -12.97
CA TYR A 281 4.41 5.22 -13.47
C TYR A 281 4.49 5.50 -14.97
N ARG A 282 3.40 5.26 -15.72
CA ARG A 282 3.38 5.74 -17.12
C ARG A 282 2.11 6.49 -17.51
N GLY A 283 1.39 6.96 -16.49
CA GLY A 283 0.13 7.67 -16.69
C GLY A 283 -0.62 7.72 -15.38
N GLU A 284 -1.90 8.06 -15.47
CA GLU A 284 -2.74 8.28 -14.29
C GLU A 284 -3.19 7.00 -13.60
N GLY A 285 -3.04 5.86 -14.27
CA GLY A 285 -3.46 4.57 -13.72
C GLY A 285 -2.29 3.81 -13.09
N VAL A 286 -2.49 2.52 -12.86
CA VAL A 286 -1.47 1.67 -12.24
C VAL A 286 -0.59 0.96 -13.26
N ASP A 287 -0.77 1.30 -14.54
CA ASP A 287 -0.09 0.63 -15.63
C ASP A 287 1.43 0.77 -15.50
N PHE A 288 2.16 -0.19 -16.04
CA PHE A 288 3.62 -0.14 -16.01
C PHE A 288 4.19 -0.23 -17.42
N LYS A 289 5.48 0.06 -17.54
CA LYS A 289 6.13 0.17 -18.84
C LYS A 289 7.12 -0.96 -19.04
N GLN A 290 7.05 -1.61 -20.20
CA GLN A 290 7.81 -2.84 -20.46
C GLN A 290 9.32 -2.70 -20.26
N ASP A 291 9.88 -1.55 -20.61
CA ASP A 291 11.32 -1.35 -20.44
C ASP A 291 11.73 -0.94 -19.00
N SER A 292 10.76 -0.85 -18.09
CA SER A 292 11.03 -0.36 -16.73
C SER A 292 10.27 -1.17 -15.68
N ILE A 293 10.48 -2.47 -15.67
CA ILE A 293 9.84 -3.35 -14.68
C ILE A 293 10.85 -4.26 -13.98
N THR A 294 12.09 -3.78 -13.88
CA THR A 294 13.15 -4.53 -13.23
C THR A 294 13.83 -3.66 -12.17
N PRO A 295 13.10 -3.37 -11.07
CA PRO A 295 13.64 -2.47 -10.05
C PRO A 295 14.87 -2.99 -9.30
N LEU A 296 14.94 -4.29 -9.03
CA LEU A 296 16.08 -4.84 -8.29
C LEU A 296 17.32 -4.95 -9.16
N THR A 297 18.47 -4.65 -8.57
CA THR A 297 19.76 -4.96 -9.15
C THR A 297 20.17 -6.31 -8.61
N ALA A 298 20.48 -7.25 -9.49
CA ALA A 298 20.84 -8.60 -9.08
C ALA A 298 22.09 -8.58 -8.18
N VAL A 299 22.09 -9.41 -7.14
CA VAL A 299 23.28 -9.59 -6.32
C VAL A 299 24.16 -10.65 -6.95
N GLU A 300 25.46 -10.57 -6.67
CA GLU A 300 26.46 -11.51 -7.21
C GLU A 300 26.16 -12.94 -6.77
N ASN A 301 25.75 -13.09 -5.52
CA ASN A 301 25.50 -14.37 -4.89
CA ASN A 301 25.31 -14.38 -5.01
C ASN A 301 24.53 -14.19 -3.72
N ILE A 302 23.84 -15.25 -3.31
CA ILE A 302 22.95 -15.18 -2.16
C ILE A 302 23.73 -14.87 -0.85
N ASN A 303 25.03 -15.15 -0.88
CA ASN A 303 25.94 -14.83 0.22
C ASN A 303 26.79 -13.58 -0.03
N THR A 304 26.17 -12.45 -0.26
CA THR A 304 26.92 -11.21 -0.51
C THR A 304 26.59 -10.20 0.57
N PHE A 305 27.56 -9.96 1.45
CA PHE A 305 27.45 -8.92 2.47
C PHE A 305 27.57 -7.54 1.83
N GLY B 8 -8.78 -30.19 24.12
CA GLY B 8 -9.51 -30.74 22.93
C GLY B 8 -9.54 -29.76 21.77
N TYR B 9 -9.97 -28.53 22.06
CA TYR B 9 -10.11 -27.51 21.02
C TYR B 9 -8.74 -27.10 20.46
N SER B 10 -8.70 -26.80 19.16
CA SER B 10 -7.45 -26.61 18.46
C SER B 10 -7.54 -25.50 17.42
N ASP B 11 -6.42 -24.80 17.23
CA ASP B 11 -6.28 -23.79 16.18
C ASP B 11 -6.36 -24.41 14.78
N ARG B 12 -6.25 -25.73 14.71
CA ARG B 12 -6.25 -26.45 13.44
C ARG B 12 -7.63 -26.95 13.01
N VAL B 13 -8.58 -27.03 13.93
CA VAL B 13 -9.88 -27.64 13.65
C VAL B 13 -10.96 -26.59 13.82
N ARG B 14 -11.77 -26.39 12.77
CA ARG B 14 -12.75 -25.32 12.73
C ARG B 14 -14.01 -25.75 11.97
N GLN B 15 -15.15 -25.24 12.43
CA GLN B 15 -16.40 -25.35 11.70
C GLN B 15 -16.96 -23.96 11.46
N ILE B 16 -17.42 -23.73 10.23
CA ILE B 16 -18.10 -22.49 9.89
C ILE B 16 -19.44 -22.82 9.28
N THR B 17 -20.51 -22.29 9.87
CA THR B 17 -21.87 -22.47 9.35
C THR B 17 -22.44 -21.10 9.00
N LEU B 18 -22.92 -20.98 7.76
CA LEU B 18 -23.67 -19.81 7.31
C LEU B 18 -24.84 -20.30 6.47
N GLY B 19 -26.05 -19.90 6.85
CA GLY B 19 -27.26 -20.35 6.18
C GLY B 19 -27.38 -21.86 6.25
N ASN B 20 -27.62 -22.50 5.11
CA ASN B 20 -27.75 -23.94 5.03
C ASN B 20 -26.43 -24.67 4.70
N SER B 21 -25.30 -23.98 4.90
CA SER B 21 -24.00 -24.48 4.46
C SER B 21 -23.00 -24.49 5.60
N THR B 22 -22.20 -25.56 5.65
CA THR B 22 -21.17 -25.72 6.67
C THR B 22 -19.86 -26.17 6.05
N ILE B 23 -18.77 -25.60 6.54
CA ILE B 23 -17.43 -26.00 6.20
C ILE B 23 -16.75 -26.58 7.43
N THR B 24 -16.00 -27.66 7.23
CA THR B 24 -15.08 -28.15 8.25
C THR B 24 -13.66 -28.13 7.70
N THR B 25 -12.70 -27.95 8.60
CA THR B 25 -11.29 -28.16 8.28
C THR B 25 -10.62 -28.75 9.52
N GLN B 26 -9.69 -29.66 9.30
CA GLN B 26 -8.91 -30.26 10.39
C GLN B 26 -7.44 -29.85 10.36
N GLU B 27 -7.04 -29.05 9.36
CA GLU B 27 -5.68 -28.53 9.30
C GLU B 27 -5.70 -27.06 8.91
N ALA B 28 -6.36 -26.26 9.73
CA ALA B 28 -6.37 -24.82 9.57
C ALA B 28 -5.18 -24.19 10.30
N ALA B 29 -5.05 -22.88 10.15
CA ALA B 29 -4.07 -22.11 10.91
C ALA B 29 -4.74 -20.84 11.41
N ASN B 30 -5.57 -20.98 12.46
CA ASN B 30 -6.35 -19.85 12.96
C ASN B 30 -7.24 -19.34 11.83
N ALA B 31 -7.68 -18.09 11.92
CA ALA B 31 -8.45 -17.45 10.86
C ALA B 31 -8.16 -15.97 10.94
N VAL B 32 -8.19 -15.29 9.79
CA VAL B 32 -7.98 -13.86 9.76
C VAL B 32 -9.31 -13.12 9.73
N VAL B 33 -9.40 -12.07 10.54
CA VAL B 33 -10.48 -11.09 10.47
C VAL B 33 -9.82 -9.81 9.97
N ALA B 34 -10.07 -9.47 8.71
CA ALA B 34 -9.37 -8.38 8.04
C ALA B 34 -9.50 -7.09 8.82
N TYR B 35 -8.34 -6.47 9.10
CA TYR B 35 -8.26 -5.22 9.86
C TYR B 35 -8.90 -5.30 11.25
N GLY B 36 -9.02 -6.52 11.76
CA GLY B 36 -9.62 -6.77 13.07
C GLY B 36 -11.11 -6.49 13.17
N GLU B 37 -11.81 -6.38 12.04
CA GLU B 37 -13.21 -5.99 12.07
C GLU B 37 -14.15 -6.98 11.40
N TRP B 38 -15.06 -7.53 12.20
CA TRP B 38 -16.09 -8.42 11.70
C TRP B 38 -17.08 -7.60 10.87
N PRO B 39 -17.64 -8.19 9.80
CA PRO B 39 -18.68 -7.46 9.06
C PRO B 39 -19.92 -7.16 9.91
N SER B 40 -20.70 -6.18 9.48
CA SER B 40 -21.93 -5.79 10.18
C SER B 40 -22.86 -5.07 9.22
N TYR B 41 -24.11 -4.90 9.65
CA TYR B 41 -25.08 -4.12 8.89
C TYR B 41 -24.77 -2.63 8.99
N LEU B 42 -25.36 -1.85 8.10
CA LEU B 42 -25.11 -0.41 8.03
C LEU B 42 -25.97 0.33 9.06
N ASP B 43 -25.32 1.03 9.97
CA ASP B 43 -25.99 1.80 11.04
C ASP B 43 -26.73 3.02 10.48
N ASP B 44 -27.83 3.39 11.14
CA ASP B 44 -28.63 4.57 10.76
C ASP B 44 -27.79 5.85 10.72
N LYS B 45 -26.80 5.96 11.60
CA LYS B 45 -25.94 7.14 11.69
C LYS B 45 -24.85 7.19 10.63
N GLU B 46 -24.75 6.15 9.80
CA GLU B 46 -23.82 6.13 8.67
C GLU B 46 -24.52 5.83 7.35
N ALA B 47 -25.86 5.83 7.36
CA ALA B 47 -26.63 5.42 6.19
C ALA B 47 -26.67 6.51 5.13
N ASN B 48 -27.03 6.13 3.92
CA ASN B 48 -27.07 7.06 2.80
C ASN B 48 -28.39 6.93 2.00
N PRO B 49 -28.53 5.90 1.14
CA PRO B 49 -29.85 5.76 0.51
C PRO B 49 -30.95 5.54 1.56
N ILE B 50 -32.13 6.14 1.32
CA ILE B 50 -33.16 6.21 2.36
C ILE B 50 -34.27 5.19 2.23
N ASP B 51 -34.34 4.47 1.11
CA ASP B 51 -35.32 3.40 0.98
C ASP B 51 -35.01 2.26 1.96
N ALA B 52 -36.06 1.61 2.45
CA ALA B 52 -35.89 0.45 3.33
C ALA B 52 -35.10 -0.61 2.56
N PRO B 53 -33.93 -1.03 3.09
CA PRO B 53 -33.12 -1.99 2.34
C PRO B 53 -33.66 -3.40 2.38
N THR B 54 -33.28 -4.19 1.38
CA THR B 54 -33.46 -5.63 1.40
C THR B 54 -32.25 -6.25 2.09
N GLU B 55 -32.51 -7.13 3.06
CA GLU B 55 -31.48 -7.88 3.77
C GLU B 55 -31.85 -9.37 3.61
N PRO B 56 -31.30 -10.01 2.57
CA PRO B 56 -31.77 -11.35 2.19
C PRO B 56 -31.36 -12.45 3.16
N ASP B 57 -30.39 -12.18 4.04
CA ASP B 57 -30.05 -13.09 5.12
C ASP B 57 -29.69 -14.48 4.55
N VAL B 58 -30.31 -15.56 5.02
CA VAL B 58 -29.85 -16.91 4.71
C VAL B 58 -29.93 -17.30 3.22
N SER B 59 -30.82 -16.66 2.46
CA SER B 59 -30.95 -16.98 1.03
C SER B 59 -29.64 -16.72 0.28
N SER B 60 -28.88 -15.73 0.73
CA SER B 60 -27.72 -15.22 0.02
C SER B 60 -26.43 -15.26 0.84
N ASN B 61 -26.54 -15.33 2.17
CA ASN B 61 -25.39 -15.26 3.06
C ASN B 61 -25.01 -16.68 3.46
N ARG B 62 -24.31 -17.34 2.55
CA ARG B 62 -24.09 -18.78 2.59
C ARG B 62 -22.91 -19.10 1.69
N PHE B 63 -22.31 -20.26 1.88
CA PHE B 63 -21.12 -20.63 1.11
C PHE B 63 -21.44 -21.07 -0.32
N TYR B 64 -20.82 -20.36 -1.28
CA TYR B 64 -20.86 -20.72 -2.67
C TYR B 64 -19.47 -21.20 -3.11
N THR B 65 -19.41 -22.38 -3.70
CA THR B 65 -18.15 -22.96 -4.14
C THR B 65 -17.94 -22.73 -5.63
N LEU B 66 -16.84 -22.06 -5.95
CA LEU B 66 -16.46 -21.73 -7.32
C LEU B 66 -15.90 -22.98 -8.01
N ASP B 67 -15.80 -22.93 -9.34
CA ASP B 67 -15.05 -23.95 -10.08
C ASP B 67 -13.62 -24.03 -9.53
N SER B 68 -13.13 -25.24 -9.37
CA SER B 68 -11.78 -25.47 -8.86
C SER B 68 -10.73 -25.15 -9.92
N VAL B 69 -9.53 -24.77 -9.49
CA VAL B 69 -8.40 -24.60 -10.39
C VAL B 69 -7.32 -25.61 -10.02
N GLN B 70 -6.37 -25.85 -10.93
CA GLN B 70 -5.32 -26.84 -10.71
C GLN B 70 -3.98 -26.17 -10.45
N TRP B 71 -3.40 -26.47 -9.30
CA TRP B 71 -2.06 -26.02 -8.96
C TRP B 71 -1.05 -27.00 -9.55
N LYS B 72 -0.18 -26.49 -10.39
CA LYS B 72 0.94 -27.27 -10.94
C LYS B 72 2.25 -26.54 -10.67
N SER B 73 3.37 -27.24 -10.87
CA SER B 73 4.69 -26.67 -10.62
C SER B 73 4.96 -25.42 -11.47
N THR B 74 4.25 -25.28 -12.59
CA THR B 74 4.38 -24.12 -13.48
C THR B 74 3.34 -23.00 -13.27
N SER B 75 2.36 -23.20 -12.39
CA SER B 75 1.32 -22.18 -12.13
C SER B 75 1.94 -20.90 -11.59
N ARG B 76 1.49 -19.74 -12.08
CA ARG B 76 1.98 -18.46 -11.59
C ARG B 76 1.00 -17.77 -10.63
N GLY B 77 -0.23 -18.28 -10.56
CA GLY B 77 -1.21 -17.76 -9.61
C GLY B 77 -2.57 -17.46 -10.19
N TRP B 78 -3.48 -17.07 -9.32
CA TRP B 78 -4.89 -16.87 -9.66
C TRP B 78 -5.43 -15.61 -8.99
N TRP B 79 -6.39 -14.98 -9.64
CA TRP B 79 -7.09 -13.85 -9.04
C TRP B 79 -8.59 -13.91 -9.31
N TRP B 80 -9.35 -13.36 -8.37
CA TRP B 80 -10.78 -13.12 -8.51
C TRP B 80 -11.08 -11.76 -7.94
N LYS B 81 -12.23 -11.21 -8.31
CA LYS B 81 -12.72 -9.96 -7.71
C LYS B 81 -14.04 -10.24 -7.02
N LEU B 82 -14.34 -9.45 -6.00
CA LEU B 82 -15.59 -9.56 -5.30
C LEU B 82 -16.42 -8.28 -5.17
N PRO B 83 -17.60 -8.29 -5.81
CA PRO B 83 -18.61 -9.32 -5.63
C PRO B 83 -18.69 -10.08 -6.99
N ASP B 84 -17.87 -9.65 -7.97
CA ASP B 84 -17.89 -10.22 -9.33
C ASP B 84 -17.90 -11.75 -9.39
N ALA B 85 -17.05 -12.39 -8.59
CA ALA B 85 -16.94 -13.85 -8.60
C ALA B 85 -18.24 -14.55 -8.21
N LEU B 86 -19.10 -13.85 -7.46
CA LEU B 86 -20.36 -14.40 -6.96
C LEU B 86 -21.60 -13.88 -7.70
N LYS B 87 -21.38 -13.16 -8.80
CA LYS B 87 -22.49 -12.47 -9.47
C LYS B 87 -23.57 -13.41 -10.03
N ASP B 88 -23.21 -14.66 -10.31
CA ASP B 88 -24.20 -15.64 -10.77
C ASP B 88 -24.42 -16.75 -9.74
N MET B 89 -24.21 -16.44 -8.46
CA MET B 89 -24.39 -17.41 -7.38
C MET B 89 -25.75 -17.26 -6.71
N GLY B 90 -26.66 -18.17 -7.07
CA GLY B 90 -27.96 -18.29 -6.41
C GLY B 90 -28.67 -16.97 -6.18
N MET B 91 -29.23 -16.82 -4.98
CA MET B 91 -30.02 -15.64 -4.65
CA MET B 91 -30.02 -15.64 -4.63
C MET B 91 -29.14 -14.41 -4.39
N PHE B 92 -27.86 -14.62 -4.07
CA PHE B 92 -26.96 -13.47 -3.92
C PHE B 92 -26.88 -12.70 -5.24
N GLY B 93 -26.63 -13.44 -6.32
CA GLY B 93 -26.57 -12.85 -7.66
C GLY B 93 -27.85 -12.13 -8.05
N GLN B 94 -29.00 -12.73 -7.75
CA GLN B 94 -30.28 -12.12 -8.05
C GLN B 94 -30.48 -10.81 -7.28
N ASN B 95 -30.24 -10.84 -5.97
CA ASN B 95 -30.33 -9.62 -5.18
C ASN B 95 -29.35 -8.54 -5.66
N MET B 96 -28.14 -8.95 -5.99
CA MET B 96 -27.13 -8.01 -6.52
C MET B 96 -27.64 -7.29 -7.77
N TYR B 97 -28.19 -8.03 -8.72
CA TYR B 97 -28.54 -7.46 -10.01
C TYR B 97 -29.91 -6.76 -10.03
N TYR B 98 -30.82 -7.11 -9.13
CA TYR B 98 -32.11 -6.42 -9.05
C TYR B 98 -32.02 -5.06 -8.35
N HIS B 99 -30.88 -4.76 -7.72
CA HIS B 99 -30.68 -3.51 -6.99
C HIS B 99 -29.53 -2.69 -7.56
N TYR B 100 -29.72 -1.38 -7.55
CA TYR B 100 -28.69 -0.41 -7.89
C TYR B 100 -27.51 -0.47 -6.92
N LEU B 101 -27.81 -0.66 -5.64
CA LEU B 101 -26.81 -0.60 -4.58
C LEU B 101 -26.76 -1.88 -3.75
N GLY B 102 -25.55 -2.22 -3.30
CA GLY B 102 -25.35 -3.35 -2.42
C GLY B 102 -24.07 -3.24 -1.61
N ARG B 103 -24.09 -3.83 -0.42
CA ARG B 103 -22.88 -4.01 0.35
C ARG B 103 -22.87 -5.40 0.95
N SER B 104 -21.66 -5.89 1.20
CA SER B 104 -21.47 -7.24 1.71
C SER B 104 -20.10 -7.38 2.34
N GLY B 105 -20.03 -8.13 3.44
CA GLY B 105 -18.79 -8.73 3.90
C GLY B 105 -18.69 -10.14 3.33
N TYR B 106 -17.63 -10.87 3.69
CA TYR B 106 -17.41 -12.23 3.19
C TYR B 106 -16.66 -13.11 4.18
N THR B 107 -16.97 -14.39 4.17
CA THR B 107 -16.03 -15.40 4.65
C THR B 107 -15.46 -16.09 3.42
N VAL B 108 -14.14 -15.97 3.24
CA VAL B 108 -13.42 -16.62 2.17
C VAL B 108 -12.70 -17.85 2.74
N HIS B 109 -12.98 -19.00 2.15
CA HIS B 109 -12.33 -20.25 2.57
C HIS B 109 -11.66 -20.90 1.37
N VAL B 110 -10.33 -20.87 1.38
CA VAL B 110 -9.52 -21.45 0.30
C VAL B 110 -9.04 -22.83 0.75
N GLN B 111 -9.22 -23.82 -0.12
CA GLN B 111 -9.00 -25.22 0.22
C GLN B 111 -7.95 -25.83 -0.70
N CYS B 112 -6.93 -26.43 -0.10
CA CYS B 112 -5.89 -27.12 -0.85
C CYS B 112 -5.16 -28.14 0.02
N ASN B 113 -5.52 -29.41 -0.13
CA ASN B 113 -4.87 -30.49 0.57
C ASN B 113 -3.93 -31.25 -0.36
N ALA B 114 -2.97 -31.93 0.24
CA ALA B 114 -1.98 -32.69 -0.53
C ALA B 114 -1.58 -33.93 0.28
N SER B 115 -0.31 -34.06 0.62
CA SER B 115 0.13 -35.15 1.50
C SER B 115 1.34 -34.66 2.27
N LYS B 116 1.75 -35.46 3.24
CA LYS B 116 2.93 -35.17 4.04
C LYS B 116 4.24 -35.25 3.24
N PHE B 117 4.16 -35.71 1.99
CA PHE B 117 5.30 -35.80 1.08
C PHE B 117 5.32 -34.72 -0.01
N HIS B 118 4.24 -33.96 -0.14
CA HIS B 118 4.20 -32.82 -1.07
C HIS B 118 4.77 -31.60 -0.35
N GLN B 119 5.19 -30.60 -1.13
CA GLN B 119 5.57 -29.32 -0.58
C GLN B 119 5.13 -28.19 -1.49
N GLY B 120 4.99 -27.01 -0.91
CA GLY B 120 4.58 -25.82 -1.64
C GLY B 120 3.89 -24.86 -0.70
N ALA B 121 3.84 -23.59 -1.08
CA ALA B 121 3.17 -22.59 -0.25
C ALA B 121 2.43 -21.57 -1.12
N LEU B 122 1.17 -21.35 -0.79
CA LEU B 122 0.32 -20.36 -1.43
C LEU B 122 0.11 -19.17 -0.52
N GLY B 123 0.36 -17.97 -1.03
CA GLY B 123 -0.06 -16.75 -0.36
C GLY B 123 -1.49 -16.46 -0.77
N VAL B 124 -2.36 -16.23 0.20
CA VAL B 124 -3.77 -15.92 -0.04
C VAL B 124 -4.05 -14.54 0.50
N PHE B 125 -4.30 -13.58 -0.40
CA PHE B 125 -4.41 -12.17 -0.03
C PHE B 125 -5.78 -11.60 -0.41
N ALA B 126 -6.35 -10.81 0.50
CA ALA B 126 -7.56 -10.05 0.23
C ALA B 126 -7.15 -8.58 0.11
N ILE B 127 -7.36 -8.01 -1.08
CA ILE B 127 -6.83 -6.70 -1.44
C ILE B 127 -7.99 -5.73 -1.70
N PRO B 128 -8.13 -4.69 -0.87
CA PRO B 128 -9.15 -3.68 -1.20
C PRO B 128 -8.77 -2.89 -2.45
N GLU B 129 -9.76 -2.60 -3.29
CA GLU B 129 -9.56 -1.85 -4.53
C GLU B 129 -8.39 -2.41 -5.33
N TYR B 130 -8.52 -3.67 -5.75
CA TYR B 130 -7.43 -4.33 -6.45
C TYR B 130 -7.40 -3.93 -7.93
N VAL B 131 -6.87 -2.74 -8.18
CA VAL B 131 -6.77 -2.18 -9.52
C VAL B 131 -5.55 -2.79 -10.21
N MET B 132 -5.73 -3.32 -11.41
CA MET B 132 -4.62 -3.93 -12.14
CA MET B 132 -4.64 -3.95 -12.14
C MET B 132 -4.30 -3.21 -13.44
N ALA B 133 -3.07 -3.40 -13.90
CA ALA B 133 -2.54 -2.75 -15.11
C ALA B 133 -3.19 -3.31 -16.35
N CYS B 134 -3.31 -2.48 -17.39
CA CYS B 134 -3.81 -2.94 -18.68
C CYS B 134 -2.66 -3.46 -19.56
N ASN B 135 -3.00 -4.06 -20.69
CA ASN B 135 -2.01 -4.77 -21.51
C ASN B 135 -1.74 -4.12 -22.87
N THR B 136 -1.82 -2.79 -22.91
CA THR B 136 -1.40 -2.02 -24.08
C THR B 136 -0.67 -0.78 -23.61
N GLU B 137 0.43 -0.44 -24.30
CA GLU B 137 1.15 0.79 -24.00
C GLU B 137 0.78 1.96 -24.92
N ALA B 138 -0.21 1.73 -25.78
CA ALA B 138 -0.80 2.81 -26.59
C ALA B 138 -1.81 3.62 -25.80
N LYS B 139 -2.30 3.07 -24.68
CA LYS B 139 -3.29 3.73 -23.84
C LYS B 139 -2.96 3.48 -22.37
N THR B 140 -3.63 4.19 -21.48
CA THR B 140 -3.58 3.91 -20.05
C THR B 140 -4.98 3.57 -19.55
N SER B 141 -5.05 2.79 -18.47
CA SER B 141 -6.33 2.46 -17.81
C SER B 141 -7.36 1.92 -18.80
N TYR B 142 -6.89 1.06 -19.71
CA TYR B 142 -7.64 0.67 -20.89
C TYR B 142 -7.99 -0.82 -20.80
N VAL B 143 -9.03 -1.11 -20.02
CA VAL B 143 -9.47 -2.48 -19.77
C VAL B 143 -10.97 -2.55 -20.02
N SER B 144 -11.41 -3.57 -20.73
CA SER B 144 -12.84 -3.75 -20.99
C SER B 144 -13.55 -4.27 -19.75
N TYR B 145 -14.82 -3.93 -19.62
CA TYR B 145 -15.66 -4.42 -18.54
C TYR B 145 -15.67 -5.95 -18.49
N VAL B 146 -15.81 -6.58 -19.66
CA VAL B 146 -15.87 -8.04 -19.75
C VAL B 146 -14.59 -8.70 -19.23
N ASN B 147 -13.43 -8.16 -19.58
CA ASN B 147 -12.16 -8.71 -19.11
C ASN B 147 -11.87 -8.42 -17.64
N ALA B 148 -12.36 -7.28 -17.15
CA ALA B 148 -12.22 -6.93 -15.74
C ALA B 148 -13.11 -7.79 -14.84
N ASN B 149 -14.20 -8.30 -15.39
CA ASN B 149 -15.21 -9.01 -14.61
C ASN B 149 -15.45 -10.43 -15.14
N PRO B 150 -14.47 -11.33 -14.96
CA PRO B 150 -14.58 -12.68 -15.50
C PRO B 150 -15.55 -13.60 -14.75
N GLY B 151 -15.99 -13.19 -13.57
CA GLY B 151 -16.89 -14.00 -12.77
C GLY B 151 -16.14 -15.09 -12.02
N GLU B 152 -16.81 -16.22 -11.80
CA GLU B 152 -16.24 -17.28 -10.95
C GLU B 152 -14.98 -17.92 -11.53
N LYS B 153 -14.78 -17.85 -12.85
CA LYS B 153 -13.56 -18.41 -13.44
C LYS B 153 -12.32 -17.61 -13.05
N GLY B 154 -12.49 -16.35 -12.68
CA GLY B 154 -11.36 -15.50 -12.30
C GLY B 154 -10.37 -15.36 -13.43
N GLY B 155 -9.11 -15.14 -13.07
CA GLY B 155 -8.02 -15.05 -14.04
C GLY B 155 -6.76 -15.66 -13.48
N VAL B 156 -5.70 -15.65 -14.28
CA VAL B 156 -4.41 -16.18 -13.87
C VAL B 156 -3.34 -15.11 -14.01
N PHE B 157 -2.29 -15.24 -13.23
CA PHE B 157 -1.10 -14.42 -13.36
C PHE B 157 -0.17 -15.05 -14.40
N ASP B 158 0.76 -14.24 -14.88
CA ASP B 158 1.81 -14.69 -15.80
C ASP B 158 3.13 -14.16 -15.26
N ASN B 159 4.23 -14.77 -15.67
CA ASN B 159 5.56 -14.26 -15.30
C ASN B 159 6.22 -13.44 -16.41
N ALA B 160 5.47 -13.13 -17.45
CA ALA B 160 5.94 -12.31 -18.55
C ALA B 160 4.91 -11.22 -18.85
N TYR B 161 5.41 -10.07 -19.30
CA TYR B 161 4.57 -8.95 -19.71
C TYR B 161 4.81 -8.73 -21.20
N ASN B 162 3.77 -8.94 -21.99
CA ASN B 162 3.83 -8.77 -23.44
C ASN B 162 2.66 -7.90 -23.89
N PRO B 163 2.82 -6.57 -23.80
CA PRO B 163 1.70 -5.70 -24.16
C PRO B 163 1.40 -5.78 -25.66
N SER B 164 0.14 -5.54 -26.02
CA SER B 164 -0.34 -5.78 -27.38
C SER B 164 0.20 -4.78 -28.37
N ALA B 165 0.36 -5.22 -29.62
CA ALA B 165 0.77 -4.34 -30.70
C ALA B 165 -0.27 -3.23 -30.94
N GLU B 166 -1.55 -3.58 -30.86
CA GLU B 166 -2.64 -2.64 -31.11
C GLU B 166 -3.52 -2.50 -29.88
N ALA B 167 -3.95 -1.27 -29.61
CA ALA B 167 -4.70 -0.93 -28.39
C ALA B 167 -5.94 -1.81 -28.18
N SER B 168 -6.66 -2.09 -29.26
CA SER B 168 -7.87 -2.92 -29.19
C SER B 168 -7.61 -4.35 -28.73
N GLU B 169 -6.38 -4.84 -28.88
CA GLU B 169 -6.02 -6.20 -28.46
C GLU B 169 -5.50 -6.32 -27.01
N GLY B 170 -5.26 -5.18 -26.35
CA GLY B 170 -4.66 -5.16 -25.03
C GLY B 170 -5.58 -4.69 -23.92
N ARG B 171 -6.89 -4.84 -24.11
CA ARG B 171 -7.90 -4.36 -23.16
C ARG B 171 -8.19 -5.38 -22.06
N LYS B 172 -7.13 -6.00 -21.55
CA LYS B 172 -7.21 -6.97 -20.48
C LYS B 172 -6.12 -6.62 -19.49
N PHE B 173 -6.15 -7.27 -18.33
CA PHE B 173 -5.15 -7.02 -17.30
C PHE B 173 -3.81 -7.64 -17.69
N ALA B 174 -2.73 -6.91 -17.42
CA ALA B 174 -1.38 -7.47 -17.45
C ALA B 174 -1.07 -7.97 -16.05
N ALA B 175 -1.52 -9.18 -15.76
CA ALA B 175 -1.42 -9.75 -14.43
C ALA B 175 -0.02 -10.34 -14.20
N LEU B 176 0.96 -9.46 -14.08
CA LEU B 176 2.35 -9.85 -13.93
C LEU B 176 2.62 -10.19 -12.47
N ASP B 177 2.97 -11.45 -12.21
CA ASP B 177 3.02 -11.98 -10.84
C ASP B 177 3.86 -11.18 -9.84
N TYR B 178 5.13 -10.94 -10.17
CA TYR B 178 6.05 -10.31 -9.20
C TYR B 178 5.76 -8.83 -8.96
N LEU B 179 4.98 -8.21 -9.85
CA LEU B 179 4.48 -6.85 -9.63
C LEU B 179 3.01 -6.83 -9.18
N LEU B 180 2.50 -8.00 -8.78
CA LEU B 180 1.14 -8.13 -8.27
C LEU B 180 0.10 -7.58 -9.27
N GLY B 181 0.45 -7.62 -10.55
CA GLY B 181 -0.40 -7.06 -11.60
C GLY B 181 -0.68 -5.57 -11.52
N CYS B 182 0.08 -4.83 -10.71
CA CYS B 182 -0.24 -3.41 -10.47
C CYS B 182 0.94 -2.50 -10.13
N GLY B 183 2.16 -2.93 -10.42
CA GLY B 183 3.33 -2.07 -10.25
C GLY B 183 3.93 -1.97 -8.86
N VAL B 184 3.61 -2.93 -7.99
CA VAL B 184 4.21 -3.01 -6.65
C VAL B 184 4.83 -4.39 -6.47
N LEU B 185 5.81 -4.53 -5.58
CA LEU B 185 6.47 -5.83 -5.43
C LEU B 185 5.63 -6.81 -4.61
N ALA B 186 5.48 -8.02 -5.15
CA ALA B 186 4.61 -9.04 -4.56
C ALA B 186 5.01 -9.43 -3.14
N GLY B 187 6.30 -9.32 -2.82
CA GLY B 187 6.79 -9.60 -1.48
C GLY B 187 6.20 -8.71 -0.40
N ASN B 188 5.63 -7.57 -0.81
CA ASN B 188 4.98 -6.65 0.12
C ASN B 188 3.47 -6.82 0.23
N ALA B 189 2.91 -7.82 -0.46
CA ALA B 189 1.47 -8.09 -0.43
C ALA B 189 0.96 -8.45 0.97
N PHE B 190 1.89 -8.78 1.88
CA PHE B 190 1.56 -9.17 3.25
C PHE B 190 1.01 -8.01 4.09
N VAL B 191 1.12 -6.77 3.59
CA VAL B 191 0.44 -5.65 4.23
C VAL B 191 -1.08 -5.75 4.08
N TYR B 192 -1.54 -6.57 3.14
CA TYR B 192 -2.96 -6.88 2.99
C TYR B 192 -3.32 -8.08 3.86
N PRO B 193 -4.58 -8.13 4.34
CA PRO B 193 -5.06 -9.30 5.08
C PRO B 193 -4.76 -10.58 4.30
N HIS B 194 -4.17 -11.56 4.97
CA HIS B 194 -3.69 -12.75 4.27
C HIS B 194 -3.55 -13.94 5.20
N GLN B 195 -3.50 -15.12 4.59
CA GLN B 195 -2.94 -16.30 5.23
C GLN B 195 -2.04 -16.99 4.20
N ILE B 196 -1.30 -17.99 4.65
CA ILE B 196 -0.50 -18.82 3.78
C ILE B 196 -0.96 -20.26 3.94
N ILE B 197 -1.16 -20.95 2.82
CA ILE B 197 -1.35 -22.39 2.83
C ILE B 197 0.01 -23.02 2.50
N ASN B 198 0.67 -23.50 3.53
CA ASN B 198 1.97 -24.15 3.43
C ASN B 198 1.66 -25.62 3.64
N LEU B 199 1.85 -26.44 2.61
CA LEU B 199 1.30 -27.79 2.60
C LEU B 199 1.72 -28.67 3.79
N ARG B 200 2.94 -28.47 4.30
CA ARG B 200 3.38 -29.21 5.48
C ARG B 200 2.63 -28.84 6.75
N THR B 201 1.99 -27.67 6.78
CA THR B 201 1.35 -27.13 7.98
C THR B 201 -0.18 -27.16 7.92
N ASN B 202 -0.74 -26.69 6.82
CA ASN B 202 -2.19 -26.48 6.73
C ASN B 202 -2.72 -26.76 5.33
N ASN B 203 -4.03 -27.02 5.26
CA ASN B 203 -4.70 -27.32 4.00
C ASN B 203 -5.81 -26.33 3.66
N SER B 204 -5.90 -25.24 4.42
CA SER B 204 -6.93 -24.24 4.18
C SER B 204 -6.54 -22.88 4.73
N ALA B 205 -7.13 -21.85 4.15
CA ALA B 205 -7.02 -20.49 4.62
C ALA B 205 -8.44 -19.94 4.80
N THR B 206 -8.65 -19.19 5.88
CA THR B 206 -9.94 -18.59 6.16
C THR B 206 -9.75 -17.11 6.45
N LEU B 207 -10.41 -16.26 5.66
CA LEU B 207 -10.39 -14.82 5.85
CA LEU B 207 -10.39 -14.81 5.82
C LEU B 207 -11.82 -14.30 5.96
N VAL B 208 -12.10 -13.57 7.04
CA VAL B 208 -13.39 -12.92 7.22
C VAL B 208 -13.19 -11.44 6.92
N LEU B 209 -13.98 -10.92 5.98
CA LEU B 209 -13.79 -9.59 5.44
C LEU B 209 -14.98 -8.69 5.75
N PRO B 210 -14.74 -7.53 6.36
CA PRO B 210 -15.82 -6.55 6.45
C PRO B 210 -16.00 -5.87 5.10
N TYR B 211 -17.11 -5.16 4.92
CA TYR B 211 -17.25 -4.27 3.77
C TYR B 211 -16.17 -3.20 3.88
N VAL B 212 -15.48 -2.94 2.79
CA VAL B 212 -14.45 -1.90 2.74
C VAL B 212 -14.69 -1.04 1.51
N ASN B 213 -14.81 0.27 1.74
CA ASN B 213 -15.07 1.24 0.69
C ASN B 213 -14.97 2.63 1.32
N SER B 214 -14.91 3.66 0.48
CA SER B 214 -14.99 5.05 0.93
C SER B 214 -16.45 5.54 1.03
N LEU B 215 -17.39 4.62 0.82
CA LEU B 215 -18.83 4.87 0.91
C LEU B 215 -19.47 3.79 1.76
N ALA B 216 -20.64 4.09 2.31
CA ALA B 216 -21.43 3.13 3.05
C ALA B 216 -21.95 2.00 2.16
N ILE B 217 -22.30 2.33 0.92
CA ILE B 217 -22.89 1.37 -0.01
C ILE B 217 -22.64 1.84 -1.45
N ASP B 218 -22.56 0.91 -2.39
CA ASP B 218 -22.08 1.25 -3.74
C ASP B 218 -22.69 0.33 -4.79
N CYS B 219 -22.39 0.60 -6.06
CA CYS B 219 -22.93 -0.19 -7.16
CA CYS B 219 -22.91 -0.18 -7.19
C CYS B 219 -22.06 -1.41 -7.43
N MET B 220 -22.55 -2.56 -6.98
CA MET B 220 -21.83 -3.82 -7.09
C MET B 220 -21.49 -4.19 -8.53
N ALA B 221 -22.39 -3.90 -9.46
CA ALA B 221 -22.16 -4.22 -10.87
C ALA B 221 -21.11 -3.31 -11.54
N LYS B 222 -20.81 -2.16 -10.94
CA LYS B 222 -19.78 -1.23 -11.43
C LYS B 222 -18.42 -1.42 -10.76
N HIS B 223 -18.43 -1.88 -9.51
CA HIS B 223 -17.30 -1.70 -8.61
C HIS B 223 -17.05 -2.94 -7.75
N ASN B 224 -15.84 -3.51 -7.88
CA ASN B 224 -15.41 -4.59 -7.00
C ASN B 224 -14.65 -4.02 -5.80
N ASN B 225 -15.07 -4.42 -4.60
CA ASN B 225 -14.50 -3.90 -3.37
C ASN B 225 -13.20 -4.61 -2.99
N TRP B 226 -13.12 -5.91 -3.29
CA TRP B 226 -11.98 -6.74 -2.91
C TRP B 226 -11.46 -7.52 -4.10
N GLY B 227 -10.14 -7.68 -4.16
CA GLY B 227 -9.52 -8.70 -4.97
C GLY B 227 -9.11 -9.86 -4.08
N LEU B 228 -9.18 -11.08 -4.62
CA LEU B 228 -8.65 -12.26 -3.95
C LEU B 228 -7.51 -12.78 -4.81
N VAL B 229 -6.31 -12.81 -4.23
CA VAL B 229 -5.12 -13.25 -4.94
C VAL B 229 -4.54 -14.49 -4.28
N ILE B 230 -4.26 -15.50 -5.10
CA ILE B 230 -3.56 -16.70 -4.66
C ILE B 230 -2.29 -16.84 -5.49
N LEU B 231 -1.14 -16.67 -4.83
CA LEU B 231 0.17 -16.76 -5.48
C LEU B 231 0.98 -17.90 -4.89
N PRO B 232 1.53 -18.78 -5.75
CA PRO B 232 2.49 -19.74 -5.24
C PRO B 232 3.79 -19.02 -4.84
N LEU B 233 4.05 -18.96 -3.55
CA LEU B 233 5.26 -18.34 -3.03
C LEU B 233 6.43 -19.32 -3.16
N CYS B 234 6.15 -20.59 -2.86
CA CYS B 234 7.09 -21.68 -3.11
C CYS B 234 6.38 -22.69 -3.99
N LYS B 235 7.01 -23.07 -5.09
CA LYS B 235 6.36 -23.90 -6.09
C LYS B 235 5.96 -25.27 -5.55
N LEU B 236 4.89 -25.82 -6.11
CA LEU B 236 4.47 -27.17 -5.82
C LEU B 236 5.56 -28.14 -6.25
N ASP B 237 5.91 -29.06 -5.37
CA ASP B 237 6.85 -30.11 -5.72
C ASP B 237 6.44 -31.42 -5.07
N TYR B 238 6.63 -32.50 -5.81
CA TYR B 238 6.27 -33.83 -5.40
C TYR B 238 7.23 -34.76 -6.14
N ALA B 239 8.07 -35.46 -5.40
CA ALA B 239 9.20 -36.18 -5.98
C ALA B 239 8.82 -37.30 -6.95
N PRO B 240 7.78 -38.11 -6.62
CA PRO B 240 7.40 -39.17 -7.56
C PRO B 240 6.83 -38.69 -8.91
N ASN B 241 6.34 -37.45 -8.96
CA ASN B 241 5.80 -36.88 -10.19
C ASN B 241 5.75 -35.37 -10.11
N SER B 242 6.78 -34.74 -10.67
CA SER B 242 6.93 -33.28 -10.65
C SER B 242 5.85 -32.57 -11.49
N SER B 243 5.18 -33.31 -12.37
CA SER B 243 4.08 -32.75 -13.15
C SER B 243 2.70 -33.04 -12.52
N THR B 244 2.67 -33.41 -11.24
CA THR B 244 1.39 -33.65 -10.58
C THR B 244 0.62 -32.33 -10.42
N GLU B 245 -0.69 -32.46 -10.29
CA GLU B 245 -1.57 -31.31 -10.08
C GLU B 245 -2.42 -31.56 -8.85
N ILE B 246 -2.61 -30.53 -8.04
CA ILE B 246 -3.56 -30.63 -6.94
C ILE B 246 -4.55 -29.47 -7.03
N PRO B 247 -5.83 -29.75 -6.73
CA PRO B 247 -6.83 -28.69 -6.85
C PRO B 247 -6.71 -27.62 -5.78
N ILE B 248 -7.07 -26.40 -6.16
CA ILE B 248 -7.36 -25.34 -5.22
C ILE B 248 -8.83 -25.01 -5.39
N THR B 249 -9.58 -25.04 -4.30
CA THR B 249 -11.00 -24.76 -4.34
C THR B 249 -11.30 -23.55 -3.46
N VAL B 250 -12.07 -22.63 -4.02
CA VAL B 250 -12.42 -21.38 -3.35
C VAL B 250 -13.91 -21.39 -3.05
N THR B 251 -14.24 -21.20 -1.78
CA THR B 251 -15.62 -21.17 -1.32
C THR B 251 -15.83 -19.88 -0.53
N ILE B 252 -16.85 -19.11 -0.92
CA ILE B 252 -17.05 -17.77 -0.37
C ILE B 252 -18.50 -17.57 0.02
N ALA B 253 -18.72 -17.06 1.23
CA ALA B 253 -20.04 -16.69 1.71
C ALA B 253 -20.17 -15.18 1.89
N PRO B 254 -21.13 -14.55 1.19
CA PRO B 254 -21.50 -13.19 1.56
C PRO B 254 -22.01 -13.15 3.01
N MET B 255 -21.86 -11.99 3.65
CA MET B 255 -22.29 -11.81 5.04
C MET B 255 -22.84 -10.41 5.22
N PHE B 256 -23.88 -10.28 6.03
CA PHE B 256 -24.49 -8.99 6.32
C PHE B 256 -24.78 -8.21 5.04
N THR B 257 -25.39 -8.89 4.07
CA THR B 257 -25.71 -8.26 2.80
C THR B 257 -26.91 -7.34 2.96
N GLU B 258 -26.86 -6.24 2.24
CA GLU B 258 -27.86 -5.20 2.34
C GLU B 258 -27.91 -4.52 0.97
N PHE B 259 -29.12 -4.34 0.44
CA PHE B 259 -29.32 -3.81 -0.91
C PHE B 259 -30.36 -2.70 -0.92
N ASN B 260 -30.12 -1.69 -1.77
CA ASN B 260 -31.02 -0.55 -1.92
C ASN B 260 -31.23 -0.24 -3.39
N GLY B 261 -32.34 0.44 -3.70
CA GLY B 261 -32.61 0.89 -5.06
C GLY B 261 -33.09 -0.23 -5.97
N LEU B 262 -34.19 -0.86 -5.58
CA LEU B 262 -34.80 -1.93 -6.36
C LEU B 262 -35.39 -1.41 -7.68
N ARG B 263 -35.18 -2.17 -8.76
CA ARG B 263 -35.86 -1.91 -10.03
C ARG B 263 -35.86 -3.19 -10.86
N ASN B 264 -35.92 -3.06 -12.18
CA ASN B 264 -35.73 -4.19 -13.08
C ASN B 264 -34.29 -4.72 -13.00
N ILE B 265 -34.09 -5.94 -13.48
CA ILE B 265 -32.81 -6.61 -13.32
C ILE B 265 -31.73 -6.06 -14.27
N THR B 266 -30.54 -5.88 -13.71
CA THR B 266 -29.34 -5.55 -14.47
C THR B 266 -28.85 -6.78 -15.22
N VAL B 267 -28.67 -6.65 -16.53
CA VAL B 267 -28.07 -7.69 -17.36
C VAL B 267 -26.84 -7.10 -18.05
N PRO B 268 -25.64 -7.33 -17.50
CA PRO B 268 -24.46 -6.73 -18.08
C PRO B 268 -24.09 -7.27 -19.47
N ALA B 269 -23.35 -6.47 -20.23
CA ALA B 269 -22.84 -6.89 -21.52
C ALA B 269 -21.93 -8.10 -21.34
N THR B 270 -21.94 -9.00 -22.31
CA THR B 270 -21.13 -10.22 -22.27
C THR B 270 -20.01 -10.27 -23.33
N GLN B 271 -19.96 -9.26 -24.19
CA GLN B 271 -18.90 -9.19 -25.21
C GLN B 271 -18.56 -7.73 -25.55
N GLY C 1 -2.01 52.56 12.42
CA GLY C 1 -1.86 51.09 12.64
C GLY C 1 -0.93 50.75 13.79
N LEU C 2 -1.04 49.51 14.27
CA LEU C 2 -0.12 48.97 15.26
C LEU C 2 1.29 48.97 14.67
N PRO C 3 2.25 49.65 15.33
CA PRO C 3 3.61 49.61 14.77
C PRO C 3 4.20 48.20 14.79
N THR C 4 4.69 47.76 13.63
CA THR C 4 5.29 46.44 13.47
C THR C 4 6.59 46.58 12.70
N MET C 5 7.40 45.52 12.74
CA MET C 5 8.69 45.51 12.06
C MET C 5 8.96 44.11 11.52
N LEU C 6 9.13 44.00 10.20
CA LEU C 6 9.35 42.71 9.55
C LEU C 6 10.73 42.14 9.88
N THR C 7 10.75 40.84 10.17
CA THR C 7 11.97 40.13 10.51
C THR C 7 12.44 39.30 9.33
N PRO C 8 13.69 38.79 9.39
CA PRO C 8 14.11 37.82 8.36
C PRO C 8 13.15 36.64 8.29
N GLY C 9 13.02 36.09 7.08
CA GLY C 9 12.04 35.06 6.79
C GLY C 9 10.78 35.62 6.12
N SER C 10 10.56 36.93 6.26
CA SER C 10 9.34 37.55 5.75
CA SER C 10 9.33 37.54 5.75
C SER C 10 9.16 37.31 4.25
N SER C 11 7.97 36.81 3.88
CA SER C 11 7.55 36.52 2.50
C SER C 11 8.11 35.24 1.88
N GLN C 12 8.94 34.49 2.61
CA GLN C 12 9.49 33.24 2.08
C GLN C 12 8.40 32.15 2.07
N PHE C 13 8.58 31.16 1.19
CA PHE C 13 7.74 29.97 1.17
C PHE C 13 8.61 28.76 1.53
N LEU C 14 8.56 28.40 2.80
CA LEU C 14 9.21 27.20 3.32
C LEU C 14 8.22 26.06 3.21
N THR C 15 8.59 24.99 2.51
CA THR C 15 7.64 23.91 2.19
C THR C 15 7.26 23.05 3.38
N SER C 16 8.03 23.16 4.46
CA SER C 16 7.70 22.51 5.73
C SER C 16 7.12 23.48 6.77
N ASP C 17 6.70 24.67 6.32
CA ASP C 17 6.06 25.62 7.23
C ASP C 17 4.70 25.07 7.70
N ASP C 18 4.14 25.72 8.72
CA ASP C 18 2.89 25.25 9.30
C ASP C 18 2.06 26.46 9.75
N PHE C 19 1.47 27.14 8.77
CA PHE C 19 0.70 28.33 9.01
C PHE C 19 -0.75 28.13 8.60
N GLN C 20 -1.60 29.02 9.12
CA GLN C 20 -2.98 29.12 8.70
C GLN C 20 -3.03 29.83 7.34
N SER C 21 -4.14 29.64 6.63
CA SER C 21 -4.36 30.34 5.37
C SER C 21 -5.86 30.43 5.10
N PRO C 22 -6.29 31.47 4.36
CA PRO C 22 -7.73 31.63 4.11
C PRO C 22 -8.30 30.49 3.28
N CYS C 23 -9.54 30.12 3.57
CA CYS C 23 -10.20 29.04 2.85
C CYS C 23 -10.87 29.56 1.59
N ALA C 24 -10.59 28.91 0.47
CA ALA C 24 -11.15 29.31 -0.82
C ALA C 24 -12.63 28.97 -0.96
N LEU C 25 -13.11 28.03 -0.14
CA LEU C 25 -14.52 27.61 -0.13
C LEU C 25 -15.10 27.78 1.27
N PRO C 26 -15.34 29.03 1.69
CA PRO C 26 -15.83 29.28 3.04
C PRO C 26 -17.21 28.65 3.29
N ASN C 27 -17.41 28.23 4.54
CA ASN C 27 -18.64 27.59 5.00
C ASN C 27 -19.09 26.36 4.21
N PHE C 28 -18.12 25.64 3.67
CA PHE C 28 -18.34 24.40 2.97
C PHE C 28 -18.68 23.30 3.99
N ASP C 29 -19.69 22.50 3.66
CA ASP C 29 -20.18 21.43 4.52
C ASP C 29 -19.56 20.11 4.08
N VAL C 30 -18.49 19.67 4.77
CA VAL C 30 -17.79 18.45 4.38
C VAL C 30 -18.68 17.23 4.51
N THR C 31 -18.45 16.23 3.68
CA THR C 31 -19.20 14.98 3.77
C THR C 31 -18.98 14.37 5.16
N PRO C 32 -20.06 13.98 5.84
CA PRO C 32 -19.86 13.41 7.18
C PRO C 32 -18.95 12.18 7.15
N PRO C 33 -18.10 12.02 8.18
CA PRO C 33 -17.26 10.83 8.22
C PRO C 33 -18.08 9.59 8.59
N ILE C 34 -17.65 8.44 8.10
CA ILE C 34 -18.13 7.15 8.58
C ILE C 34 -16.93 6.30 8.92
N HIS C 35 -17.16 5.26 9.70
CA HIS C 35 -16.09 4.34 10.05
C HIS C 35 -15.69 3.50 8.83
N ILE C 36 -14.40 3.48 8.54
CA ILE C 36 -13.85 2.65 7.47
C ILE C 36 -12.82 1.74 8.15
N PRO C 37 -12.83 0.44 7.81
CA PRO C 37 -11.82 -0.44 8.41
C PRO C 37 -10.41 -0.10 7.96
N GLY C 38 -9.44 -0.44 8.79
CA GLY C 38 -8.03 -0.37 8.42
C GLY C 38 -7.38 1.00 8.55
N GLU C 39 -7.87 1.84 9.46
CA GLU C 39 -7.26 3.15 9.64
C GLU C 39 -5.81 3.01 10.13
N VAL C 40 -4.93 3.83 9.55
CA VAL C 40 -3.51 3.87 9.90
C VAL C 40 -3.24 5.22 10.55
N PHE C 41 -2.46 5.22 11.63
CA PHE C 41 -2.07 6.45 12.33
C PHE C 41 -0.59 6.80 12.21
N ASN C 42 0.25 5.78 12.03
CA ASN C 42 1.70 5.97 12.04
C ASN C 42 2.35 5.04 11.03
N MET C 43 3.31 5.55 10.27
CA MET C 43 4.04 4.74 9.30
C MET C 43 4.77 3.57 9.97
N MET C 44 5.13 3.71 11.25
CA MET C 44 5.78 2.61 11.98
C MET C 44 4.86 1.42 12.22
N GLU C 45 3.54 1.63 12.22
CA GLU C 45 2.59 0.50 12.24
C GLU C 45 2.82 -0.40 11.04
N LEU C 46 3.06 0.22 9.88
CA LEU C 46 3.31 -0.50 8.64
C LEU C 46 4.67 -1.18 8.64
N ALA C 47 5.65 -0.53 9.27
CA ALA C 47 6.99 -1.09 9.41
C ALA C 47 7.04 -2.36 10.28
N GLU C 48 6.06 -2.53 11.16
CA GLU C 48 5.98 -3.71 12.02
C GLU C 48 5.34 -4.94 11.32
N ILE C 49 4.83 -4.75 10.12
CA ILE C 49 4.27 -5.86 9.34
C ILE C 49 5.39 -6.61 8.63
N ASP C 50 5.37 -7.93 8.69
CA ASP C 50 6.30 -8.76 7.93
C ASP C 50 6.12 -8.57 6.43
N SER C 51 7.23 -8.40 5.71
CA SER C 51 7.23 -8.51 4.25
C SER C 51 8.43 -9.36 3.83
N MET C 52 8.33 -9.98 2.66
CA MET C 52 9.35 -10.94 2.23
C MET C 52 10.61 -10.26 1.72
N ILE C 53 11.75 -10.76 2.17
CA ILE C 53 13.04 -10.32 1.66
C ILE C 53 13.28 -11.03 0.33
N PRO C 54 13.62 -10.28 -0.74
CA PRO C 54 14.02 -10.93 -1.99
C PRO C 54 15.45 -11.47 -1.86
N MET C 55 15.60 -12.50 -1.02
CA MET C 55 16.91 -12.95 -0.58
C MET C 55 17.72 -13.57 -1.71
N ASN C 56 17.05 -14.22 -2.66
CA ASN C 56 17.71 -14.89 -3.77
C ASN C 56 17.62 -14.11 -5.07
N SER C 57 17.86 -12.80 -4.99
CA SER C 57 17.81 -11.93 -6.16
CA SER C 57 17.81 -11.91 -6.14
C SER C 57 19.08 -12.01 -7.00
N VAL C 58 19.52 -13.23 -7.29
CA VAL C 58 20.70 -13.45 -8.13
C VAL C 58 20.32 -13.32 -9.60
N THR C 59 21.32 -13.29 -10.48
CA THR C 59 21.07 -13.19 -11.92
C THR C 59 20.13 -14.30 -12.38
N GLY C 60 19.09 -13.93 -13.14
CA GLY C 60 18.08 -14.87 -13.59
C GLY C 60 16.90 -15.03 -12.64
N LYS C 61 17.05 -14.57 -11.39
CA LYS C 61 15.95 -14.64 -10.41
C LYS C 61 15.48 -13.27 -9.93
N ALA C 62 16.38 -12.28 -9.89
CA ALA C 62 16.00 -10.90 -9.59
C ALA C 62 14.83 -10.49 -10.48
N ASN C 63 13.86 -9.79 -9.90
CA ASN C 63 12.69 -9.31 -10.65
C ASN C 63 11.86 -10.44 -11.25
N THR C 64 11.76 -11.54 -10.50
CA THR C 64 10.84 -12.64 -10.77
C THR C 64 10.36 -13.12 -9.40
N MET C 65 9.29 -13.92 -9.36
CA MET C 65 8.82 -14.47 -8.09
C MET C 65 9.88 -15.36 -7.44
N GLU C 66 10.79 -15.91 -8.23
CA GLU C 66 11.86 -16.76 -7.72
C GLU C 66 12.97 -16.00 -6.96
N MET C 67 12.88 -14.68 -6.89
CA MET C 67 13.84 -13.91 -6.07
C MET C 67 13.61 -14.10 -4.58
N TYR C 68 12.42 -14.54 -4.17
CA TYR C 68 12.09 -14.65 -2.75
C TYR C 68 12.52 -15.98 -2.08
N PRO C 69 12.19 -17.14 -2.68
CA PRO C 69 12.49 -18.40 -1.98
C PRO C 69 14.00 -18.66 -1.83
N ILE C 70 14.40 -19.02 -0.61
CA ILE C 70 15.79 -19.31 -0.29
C ILE C 70 16.03 -20.80 -0.48
N PRO C 71 16.93 -21.18 -1.41
CA PRO C 71 17.17 -22.60 -1.66
C PRO C 71 17.73 -23.36 -0.46
N LEU C 72 17.13 -24.52 -0.19
CA LEU C 72 17.59 -25.44 0.82
C LEU C 72 17.66 -26.83 0.18
N ASP C 73 18.48 -27.70 0.74
CA ASP C 73 18.50 -29.09 0.32
C ASP C 73 18.96 -30.00 1.44
N ASP C 74 19.02 -31.30 1.19
CA ASP C 74 19.35 -32.28 2.21
C ASP C 74 20.83 -32.71 2.21
N LYS C 75 21.69 -31.91 1.61
CA LYS C 75 23.10 -32.30 1.41
C LYS C 75 24.03 -31.89 2.56
N GLY C 76 23.59 -30.97 3.42
CA GLY C 76 24.36 -30.59 4.60
C GLY C 76 25.68 -29.89 4.32
N SER C 77 25.72 -29.06 3.28
CA SER C 77 26.92 -28.27 2.98
C SER C 77 27.30 -27.35 4.15
N ALA C 78 28.60 -27.10 4.31
CA ALA C 78 29.11 -26.17 5.32
C ALA C 78 29.07 -24.70 4.84
N THR C 79 28.74 -24.50 3.57
CA THR C 79 28.59 -23.18 2.96
C THR C 79 27.39 -22.45 3.57
N PRO C 80 27.48 -21.13 3.76
CA PRO C 80 26.30 -20.44 4.27
C PRO C 80 25.11 -20.54 3.30
N ILE C 81 23.91 -20.60 3.86
CA ILE C 81 22.66 -20.69 3.09
C ILE C 81 22.27 -19.33 2.50
N PHE C 82 22.46 -18.27 3.29
CA PHE C 82 22.39 -16.89 2.80
C PHE C 82 23.24 -16.03 3.72
N SER C 83 23.63 -14.86 3.22
CA SER C 83 24.40 -13.88 3.99
C SER C 83 23.97 -12.49 3.52
N ILE C 84 23.68 -11.61 4.47
CA ILE C 84 23.20 -10.27 4.16
C ILE C 84 23.62 -9.29 5.25
N SER C 85 23.94 -8.06 4.86
CA SER C 85 24.32 -7.01 5.81
C SER C 85 23.10 -6.33 6.42
N LEU C 86 23.22 -5.92 7.68
CA LEU C 86 22.15 -5.21 8.37
C LEU C 86 22.18 -3.73 7.96
N SER C 87 21.74 -3.49 6.73
CA SER C 87 21.64 -2.16 6.14
C SER C 87 20.24 -2.08 5.53
N PRO C 88 19.22 -1.87 6.38
CA PRO C 88 17.84 -2.09 5.95
C PRO C 88 17.29 -1.09 4.93
N ALA C 89 17.90 0.08 4.81
CA ALA C 89 17.48 1.09 3.84
C ALA C 89 18.22 0.97 2.51
N SER C 90 19.49 0.56 2.55
CA SER C 90 20.39 0.68 1.41
C SER C 90 20.79 -0.64 0.75
N ASP C 91 20.66 -1.74 1.47
CA ASP C 91 21.04 -3.04 0.91
C ASP C 91 20.20 -3.35 -0.33
N LYS C 92 20.83 -3.94 -1.35
CA LYS C 92 20.16 -4.25 -2.61
C LYS C 92 18.94 -5.16 -2.46
N ARG C 93 18.92 -5.97 -1.40
CA ARG C 93 17.79 -6.86 -1.12
C ARG C 93 16.82 -6.30 -0.08
N LEU C 94 17.31 -5.62 0.95
CA LEU C 94 16.41 -5.09 1.99
C LEU C 94 15.65 -3.82 1.58
N GLN C 95 16.22 -3.01 0.68
CA GLN C 95 15.66 -1.70 0.34
CA GLN C 95 15.65 -1.70 0.37
C GLN C 95 14.25 -1.74 -0.25
N TYR C 96 13.90 -2.87 -0.89
CA TYR C 96 12.58 -3.01 -1.53
C TYR C 96 11.53 -3.77 -0.70
N THR C 97 11.90 -4.16 0.52
CA THR C 97 10.92 -4.67 1.48
C THR C 97 10.05 -3.50 1.93
N MET C 98 8.92 -3.79 2.56
CA MET C 98 8.03 -2.74 3.06
C MET C 98 8.78 -1.84 4.06
N LEU C 99 9.52 -2.45 4.97
CA LEU C 99 10.34 -1.71 5.92
C LEU C 99 11.38 -0.85 5.21
N GLY C 100 12.09 -1.45 4.25
CA GLY C 100 13.07 -0.71 3.46
C GLY C 100 12.48 0.49 2.75
N GLU C 101 11.29 0.33 2.20
CA GLU C 101 10.62 1.41 1.46
C GLU C 101 10.26 2.58 2.38
N ILE C 102 9.77 2.25 3.57
CA ILE C 102 9.44 3.28 4.56
C ILE C 102 10.70 3.99 5.04
N LEU C 103 11.76 3.23 5.30
CA LEU C 103 13.06 3.79 5.74
C LEU C 103 13.66 4.76 4.74
N ASN C 104 13.36 4.58 3.45
CA ASN C 104 13.90 5.48 2.43
C ASN C 104 13.17 6.82 2.30
N TYR C 105 12.14 7.02 3.12
CA TYR C 105 11.58 8.36 3.35
C TYR C 105 12.14 9.02 4.61
N TYR C 106 13.10 8.38 5.26
CA TYR C 106 13.72 8.91 6.48
C TYR C 106 15.25 8.83 6.39
N THR C 107 15.91 9.60 7.24
CA THR C 107 17.36 9.70 7.21
C THR C 107 17.99 8.86 8.32
N HIS C 108 17.27 8.70 9.42
CA HIS C 108 17.77 8.04 10.62
C HIS C 108 16.82 6.94 11.06
N TRP C 109 17.38 5.84 11.54
CA TRP C 109 16.59 4.77 12.14
C TRP C 109 17.24 4.24 13.40
N THR C 110 16.42 3.67 14.28
CA THR C 110 16.88 3.05 15.50
C THR C 110 15.93 1.93 15.89
N GLY C 111 16.45 0.92 16.58
CA GLY C 111 15.65 -0.17 17.10
C GLY C 111 16.03 -1.54 16.58
N SER C 112 15.24 -2.51 17.00
CA SER C 112 15.54 -3.92 16.75
C SER C 112 14.78 -4.40 15.52
N LEU C 113 15.41 -5.27 14.76
CA LEU C 113 14.83 -5.83 13.55
C LEU C 113 14.55 -7.32 13.74
N ARG C 114 13.38 -7.73 13.26
CA ARG C 114 12.88 -9.08 13.43
C ARG C 114 12.91 -9.79 12.09
N PHE C 115 13.60 -10.94 12.05
CA PHE C 115 13.67 -11.76 10.84
C PHE C 115 12.98 -13.08 11.11
N THR C 116 11.89 -13.33 10.39
CA THR C 116 11.07 -14.52 10.59
C THR C 116 11.15 -15.40 9.36
N PHE C 117 11.42 -16.68 9.58
CA PHE C 117 11.68 -17.63 8.51
C PHE C 117 10.62 -18.71 8.50
N LEU C 118 10.07 -18.99 7.33
CA LEU C 118 9.04 -19.99 7.15
C LEU C 118 9.59 -21.13 6.29
N PHE C 119 9.66 -22.33 6.86
CA PHE C 119 10.15 -23.49 6.14
C PHE C 119 9.01 -24.08 5.30
N CYS C 120 9.26 -24.29 4.00
CA CYS C 120 8.23 -24.73 3.06
C CYS C 120 8.55 -26.06 2.37
N GLY C 121 9.39 -26.88 3.01
CA GLY C 121 9.55 -28.26 2.59
C GLY C 121 8.33 -29.09 2.94
N SER C 122 8.43 -30.40 2.71
CA SER C 122 7.36 -31.33 3.07
C SER C 122 7.33 -31.53 4.57
N MET C 123 6.23 -32.07 5.07
CA MET C 123 6.10 -32.40 6.49
C MET C 123 7.13 -33.44 6.91
N MET C 124 7.51 -34.32 5.99
CA MET C 124 8.48 -35.38 6.26
C MET C 124 9.94 -34.90 6.36
N ALA C 125 10.21 -33.66 5.94
CA ALA C 125 11.55 -33.08 6.06
C ALA C 125 11.80 -32.59 7.49
N THR C 126 12.95 -32.97 8.05
CA THR C 126 13.39 -32.46 9.34
C THR C 126 14.67 -31.67 9.15
N GLY C 127 15.10 -30.97 10.19
CA GLY C 127 16.36 -30.24 10.12
C GLY C 127 16.56 -29.28 11.26
N LYS C 128 17.82 -28.88 11.44
CA LYS C 128 18.16 -27.82 12.36
C LYS C 128 19.03 -26.80 11.61
N ILE C 129 18.68 -25.53 11.79
CA ILE C 129 19.29 -24.43 11.06
C ILE C 129 19.72 -23.36 12.06
N LEU C 130 20.94 -22.86 11.89
CA LEU C 130 21.47 -21.78 12.72
C LEU C 130 21.31 -20.45 11.99
N LEU C 131 20.71 -19.48 12.68
CA LEU C 131 20.50 -18.13 12.17
C LEU C 131 21.26 -17.17 13.08
N SER C 132 22.13 -16.34 12.51
CA SER C 132 23.04 -15.53 13.31
CA SER C 132 23.06 -15.54 13.30
C SER C 132 23.05 -14.05 12.91
N TYR C 133 23.27 -13.20 13.91
CA TYR C 133 23.50 -11.78 13.73
C TYR C 133 24.80 -11.43 14.46
N SER C 134 25.78 -10.94 13.71
CA SER C 134 27.08 -10.58 14.26
C SER C 134 27.25 -9.06 14.16
N PRO C 135 27.25 -8.37 15.31
CA PRO C 135 27.52 -6.94 15.28
C PRO C 135 28.89 -6.64 14.64
N PRO C 136 29.03 -5.45 14.04
CA PRO C 136 30.16 -5.17 13.15
C PRO C 136 31.52 -5.01 13.83
N GLY C 137 32.56 -4.87 13.00
CA GLY C 137 33.91 -4.59 13.47
C GLY C 137 34.87 -5.76 13.48
N ALA C 138 34.38 -6.95 13.08
CA ALA C 138 35.22 -8.13 12.96
C ALA C 138 35.02 -8.79 11.61
N LYS C 139 35.84 -9.80 11.33
CA LYS C 139 35.76 -10.52 10.08
C LYS C 139 34.33 -10.99 9.82
N PRO C 140 33.75 -10.66 8.65
CA PRO C 140 32.40 -11.15 8.38
C PRO C 140 32.38 -12.68 8.40
N PRO C 141 31.37 -13.27 9.07
CA PRO C 141 31.38 -14.72 9.22
C PRO C 141 31.04 -15.46 7.93
N THR C 142 31.88 -16.41 7.55
CA THR C 142 31.62 -17.27 6.39
C THR C 142 31.60 -18.74 6.77
N THR C 143 31.74 -19.05 8.06
CA THR C 143 31.67 -20.40 8.58
C THR C 143 30.79 -20.41 9.82
N ARG C 144 30.19 -21.56 10.10
CA ARG C 144 29.31 -21.70 11.24
C ARG C 144 30.03 -21.41 12.56
N LYS C 145 31.29 -21.82 12.67
CA LYS C 145 32.01 -21.62 13.92
C LYS C 145 32.31 -20.16 14.24
N ASP C 146 32.36 -19.30 13.23
CA ASP C 146 32.41 -17.86 13.48
C ASP C 146 31.02 -17.28 13.75
N ALA C 147 30.03 -17.69 12.95
CA ALA C 147 28.66 -17.20 13.09
C ALA C 147 28.08 -17.46 14.48
N MET C 148 28.36 -18.64 15.03
CA MET C 148 27.80 -19.04 16.32
C MET C 148 28.38 -18.28 17.52
N LEU C 149 29.44 -17.50 17.30
CA LEU C 149 29.98 -16.62 18.33
C LEU C 149 29.16 -15.34 18.51
N GLY C 150 28.33 -15.01 17.52
CA GLY C 150 27.45 -13.86 17.60
C GLY C 150 26.10 -14.19 18.19
N THR C 151 25.18 -13.24 18.10
CA THR C 151 23.79 -13.46 18.50
C THR C 151 23.19 -14.47 17.53
N HIS C 152 22.58 -15.53 18.04
CA HIS C 152 22.04 -16.54 17.16
C HIS C 152 20.97 -17.39 17.78
N ILE C 153 20.24 -18.08 16.91
CA ILE C 153 19.22 -19.02 17.32
C ILE C 153 19.35 -20.29 16.48
N ILE C 154 19.19 -21.43 17.15
CA ILE C 154 19.13 -22.72 16.50
C ILE C 154 17.65 -23.11 16.36
N TRP C 155 17.24 -23.18 15.10
CA TRP C 155 15.86 -23.44 14.70
C TRP C 155 15.68 -24.92 14.42
N ASP C 156 14.81 -25.57 15.18
CA ASP C 156 14.43 -26.95 14.93
C ASP C 156 13.17 -26.97 14.07
N LEU C 157 13.25 -27.58 12.88
CA LEU C 157 12.10 -27.67 11.98
C LEU C 157 11.07 -28.64 12.57
N GLY C 158 9.80 -28.27 12.50
CA GLY C 158 8.75 -29.09 13.06
C GLY C 158 7.38 -28.52 12.86
N LEU C 159 6.45 -28.90 13.72
CA LEU C 159 5.05 -28.51 13.59
C LEU C 159 4.89 -26.98 13.59
N GLN C 160 5.57 -26.30 14.50
CA GLN C 160 5.64 -24.84 14.44
C GLN C 160 6.57 -24.50 13.27
N SER C 161 5.99 -23.89 12.25
CA SER C 161 6.60 -23.78 10.93
C SER C 161 7.67 -22.71 10.81
N SER C 162 7.64 -21.74 11.72
CA SER C 162 8.37 -20.49 11.57
C SER C 162 9.25 -20.22 12.78
N CYS C 163 10.39 -19.60 12.53
CA CYS C 163 11.31 -19.21 13.59
C CYS C 163 11.71 -17.76 13.43
N THR C 164 11.77 -17.04 14.54
CA THR C 164 12.13 -15.65 14.54
C THR C 164 13.53 -15.45 15.14
N MET C 165 14.42 -14.85 14.35
CA MET C 165 15.72 -14.39 14.82
C MET C 165 15.65 -12.87 14.96
N LEU C 166 16.18 -12.35 16.07
CA LEU C 166 16.24 -10.92 16.28
C LEU C 166 17.64 -10.39 16.00
N ALA C 167 17.70 -9.24 15.34
CA ALA C 167 18.88 -8.40 15.35
C ALA C 167 18.59 -7.30 16.37
N PRO C 168 18.94 -7.54 17.64
CA PRO C 168 18.65 -6.52 18.66
C PRO C 168 19.43 -5.25 18.36
N TRP C 169 18.87 -4.11 18.78
CA TRP C 169 19.55 -2.84 18.64
C TRP C 169 20.86 -2.83 19.41
N ILE C 170 21.96 -2.93 18.65
CA ILE C 170 23.31 -2.89 19.18
C ILE C 170 24.08 -1.96 18.25
N SER C 171 24.32 -0.75 18.74
CA SER C 171 24.87 0.33 17.93
C SER C 171 25.67 1.28 18.81
N ASN C 172 26.71 1.89 18.23
CA ASN C 172 27.40 2.98 18.91
C ASN C 172 26.53 4.25 18.92
N THR C 173 26.09 4.69 17.75
CA THR C 173 25.23 5.86 17.62
C THR C 173 23.81 5.53 18.08
N VAL C 174 23.07 6.55 18.47
CA VAL C 174 21.69 6.37 18.92
C VAL C 174 20.77 6.11 17.73
N TYR C 175 21.13 6.65 16.57
CA TYR C 175 20.49 6.32 15.31
C TYR C 175 21.53 5.92 14.27
N ARG C 176 21.13 5.06 13.36
CA ARG C 176 21.91 4.77 12.16
C ARG C 176 21.34 5.56 10.99
N ARG C 177 22.15 5.73 9.96
CA ARG C 177 21.72 6.44 8.77
C ARG C 177 21.10 5.50 7.76
N CYS C 178 20.06 5.96 7.08
CA CYS C 178 19.36 5.19 6.04
C CYS C 178 20.08 5.29 4.69
N ILE C 179 21.38 5.04 4.71
CA ILE C 179 22.24 4.99 3.53
C ILE C 179 23.35 4.00 3.84
N LYS C 180 24.08 3.57 2.81
CA LYS C 180 25.27 2.77 3.02
C LYS C 180 26.33 3.66 3.66
N ASP C 181 26.85 3.26 4.81
CA ASP C 181 27.69 4.13 5.63
C ASP C 181 28.52 3.29 6.60
N ASP C 182 29.84 3.39 6.50
CA ASP C 182 30.73 2.61 7.38
C ASP C 182 30.51 2.91 8.86
N PHE C 183 30.37 4.19 9.20
CA PHE C 183 30.23 4.61 10.58
C PHE C 183 29.00 4.01 11.28
N THR C 184 27.90 3.90 10.54
CA THR C 184 26.65 3.35 11.07
C THR C 184 26.34 1.97 10.47
N GLU C 185 27.38 1.22 10.09
CA GLU C 185 27.21 -0.16 9.65
C GLU C 185 26.53 -0.96 10.77
N GLY C 186 25.73 -1.95 10.38
CA GLY C 186 24.90 -2.69 11.32
C GLY C 186 25.34 -4.10 11.64
N GLY C 187 26.25 -4.65 10.83
CA GLY C 187 26.73 -6.01 11.03
C GLY C 187 26.17 -7.00 10.03
N TYR C 188 26.24 -8.29 10.40
CA TYR C 188 26.14 -9.37 9.44
C TYR C 188 25.14 -10.43 9.87
N ILE C 189 24.22 -10.76 8.97
CA ILE C 189 23.27 -11.85 9.20
C ILE C 189 23.62 -13.01 8.28
N THR C 190 23.75 -14.20 8.86
CA THR C 190 24.13 -15.41 8.13
CA THR C 190 24.01 -15.37 8.04
C THR C 190 23.30 -16.60 8.60
N CYS C 191 23.43 -17.71 7.88
CA CYS C 191 22.63 -18.89 8.14
C CYS C 191 23.38 -20.13 7.68
N PHE C 192 23.38 -21.15 8.54
CA PHE C 192 24.09 -22.40 8.28
C PHE C 192 23.24 -23.59 8.68
N TYR C 193 23.47 -24.74 8.06
CA TYR C 193 22.91 -25.99 8.58
C TYR C 193 23.57 -26.29 9.93
N GLN C 194 22.73 -26.53 10.94
CA GLN C 194 23.21 -26.91 12.26
C GLN C 194 23.44 -28.42 12.28
N THR C 195 22.48 -29.17 11.76
CA THR C 195 22.68 -30.58 11.41
C THR C 195 22.64 -30.64 9.90
N ARG C 196 21.58 -31.22 9.33
CA ARG C 196 21.25 -31.05 7.93
C ARG C 196 19.75 -31.27 7.79
N ILE C 197 19.20 -30.91 6.64
CA ILE C 197 17.84 -31.31 6.34
C ILE C 197 17.89 -32.78 5.95
N VAL C 198 16.98 -33.56 6.53
CA VAL C 198 16.89 -34.98 6.25
C VAL C 198 15.47 -35.29 5.77
N VAL C 199 15.38 -36.07 4.70
CA VAL C 199 14.10 -36.55 4.20
C VAL C 199 14.15 -38.06 3.99
N PRO C 200 12.99 -38.74 4.06
CA PRO C 200 12.92 -40.13 3.67
C PRO C 200 12.77 -40.24 2.14
N SER C 201 12.68 -41.46 1.62
CA SER C 201 12.51 -41.64 0.17
C SER C 201 11.13 -41.15 -0.28
N GLY C 202 10.98 -40.90 -1.57
CA GLY C 202 9.73 -40.42 -2.14
C GLY C 202 9.38 -39.00 -1.73
N THR C 203 10.40 -38.21 -1.38
CA THR C 203 10.25 -36.87 -0.84
C THR C 203 11.22 -35.92 -1.55
N PRO C 204 10.80 -34.67 -1.82
CA PRO C 204 11.76 -33.77 -2.48
C PRO C 204 12.99 -33.52 -1.61
N THR C 205 14.18 -33.57 -2.22
CA THR C 205 15.44 -33.39 -1.52
C THR C 205 15.94 -31.94 -1.60
N SER C 206 15.27 -31.13 -2.40
CA SER C 206 15.50 -29.69 -2.37
C SER C 206 14.16 -29.00 -2.15
N MET C 207 14.23 -27.85 -1.49
CA MET C 207 13.05 -27.13 -1.05
CA MET C 207 13.05 -27.13 -1.05
C MET C 207 13.44 -25.68 -0.74
N PHE C 208 12.51 -24.92 -0.18
CA PHE C 208 12.76 -23.52 0.10
C PHE C 208 12.26 -23.10 1.48
N MET C 209 12.81 -21.98 1.95
CA MET C 209 12.21 -21.22 3.02
C MET C 209 12.02 -19.78 2.56
N LEU C 210 11.12 -19.07 3.24
CA LEU C 210 10.87 -17.67 2.99
C LEU C 210 11.35 -16.85 4.19
N ALA C 211 12.01 -15.74 3.92
CA ALA C 211 12.49 -14.84 4.98
C ALA C 211 11.67 -13.56 4.97
N PHE C 212 11.20 -13.17 6.15
CA PHE C 212 10.45 -11.93 6.33
C PHE C 212 11.22 -10.99 7.25
N VAL C 213 11.04 -9.69 7.07
CA VAL C 213 11.60 -8.69 7.96
C VAL C 213 10.51 -7.75 8.43
N SER C 214 10.61 -7.34 9.70
CA SER C 214 9.74 -6.31 10.27
C SER C 214 10.46 -5.59 11.41
N ALA C 215 9.95 -4.41 11.76
CA ALA C 215 10.47 -3.63 12.87
C ALA C 215 9.82 -4.06 14.18
N CYS C 216 10.57 -3.97 15.27
CA CYS C 216 10.05 -4.22 16.60
C CYS C 216 9.41 -2.95 17.21
N PRO C 217 8.70 -3.09 18.35
CA PRO C 217 8.10 -1.91 18.98
C PRO C 217 9.08 -0.87 19.52
N ASP C 218 10.36 -1.23 19.66
CA ASP C 218 11.40 -0.26 20.04
C ASP C 218 11.92 0.58 18.87
N PHE C 219 11.37 0.37 17.67
CA PHE C 219 11.88 0.95 16.44
C PHE C 219 11.24 2.32 16.17
N SER C 220 12.05 3.28 15.73
CA SER C 220 11.54 4.56 15.26
C SER C 220 12.46 5.15 14.20
N VAL C 221 11.95 6.14 13.48
CA VAL C 221 12.66 6.81 12.39
C VAL C 221 12.57 8.33 12.53
N ARG C 222 13.53 9.03 11.93
CA ARG C 222 13.57 10.50 11.94
C ARG C 222 14.04 11.08 10.64
N LEU C 223 13.71 12.35 10.47
CA LEU C 223 14.22 13.25 9.44
C LEU C 223 13.71 12.85 8.06
N LEU C 224 12.49 13.30 7.80
CA LEU C 224 11.79 13.03 6.56
C LEU C 224 12.64 13.48 5.37
N ARG C 225 12.64 12.67 4.33
CA ARG C 225 13.38 12.98 3.12
C ARG C 225 12.72 12.33 1.92
N ASP C 226 13.07 12.81 0.74
CA ASP C 226 12.62 12.16 -0.48
C ASP C 226 13.37 10.86 -0.72
N THR C 227 12.67 9.91 -1.33
CA THR C 227 13.22 8.61 -1.63
C THR C 227 13.92 8.64 -2.97
N ASN C 228 14.89 7.75 -3.14
CA ASN C 228 15.51 7.53 -4.42
C ASN C 228 14.79 6.43 -5.25
N HIS C 229 13.65 5.92 -4.79
CA HIS C 229 12.95 4.81 -5.46
C HIS C 229 11.90 5.22 -6.48
N ILE C 230 11.67 6.53 -6.64
CA ILE C 230 10.71 7.03 -7.65
C ILE C 230 11.26 8.29 -8.31
N SER C 231 11.03 8.42 -9.61
CA SER C 231 11.50 9.57 -10.37
C SER C 231 10.67 9.75 -11.62
N GLN C 232 10.92 10.83 -12.35
CA GLN C 232 10.27 11.03 -13.65
C GLN C 232 11.13 11.88 -14.57
N ARG C 233 10.90 11.73 -15.88
CA ARG C 233 11.63 12.47 -16.90
C ARG C 233 11.09 13.90 -16.98
N THR C 234 11.95 14.85 -17.34
CA THR C 234 11.59 16.28 -17.39
C THR C 234 11.89 16.94 -18.73
N GLY D 2 -9.69 33.06 23.22
CA GLY D 2 -9.65 31.69 22.62
C GLY D 2 -8.25 31.20 22.26
N ALA D 3 -7.26 31.59 23.05
CA ALA D 3 -5.88 31.18 22.81
C ALA D 3 -5.67 29.79 23.38
N GLN D 4 -5.00 28.94 22.61
CA GLN D 4 -4.67 27.59 23.04
C GLN D 4 -3.17 27.59 23.39
N VAL D 5 -2.84 27.15 24.60
CA VAL D 5 -1.45 27.03 25.03
C VAL D 5 -1.12 25.54 25.14
N SER D 6 -0.08 25.11 24.42
CA SER D 6 0.30 23.69 24.33
C SER D 6 1.81 23.52 24.45
N SER D 7 2.23 22.30 24.74
CA SER D 7 3.65 21.95 24.85
C SER D 7 4.31 21.94 23.49
N GLN D 8 5.50 22.52 23.40
CA GLN D 8 6.31 22.43 22.21
C GLN D 8 7.02 21.08 22.13
N LYS D 9 7.39 20.69 20.92
CA LYS D 9 8.33 19.58 20.73
C LYS D 9 9.70 20.03 21.23
N VAL D 10 10.32 19.26 22.11
CA VAL D 10 11.59 19.66 22.71
C VAL D 10 12.77 19.78 21.69
N GLY D 11 13.68 20.70 21.97
CA GLY D 11 14.85 20.91 21.11
C GLY D 11 16.13 20.49 21.81
N ALA D 12 17.24 21.11 21.39
CA ALA D 12 18.58 20.78 21.92
C ALA D 12 18.72 20.89 23.43
N HIS D 13 18.02 21.86 24.02
CA HIS D 13 18.22 22.22 25.42
C HIS D 13 16.90 22.54 26.11
N VAL D 25 8.83 26.35 27.16
CA VAL D 25 8.45 25.02 26.69
C VAL D 25 7.02 24.97 26.10
N ASN D 26 6.25 26.05 26.23
CA ASN D 26 4.92 26.13 25.64
C ASN D 26 4.86 27.10 24.46
N TYR D 27 3.81 26.97 23.65
CA TYR D 27 3.53 27.92 22.58
C TYR D 27 2.04 28.19 22.51
N THR D 28 1.70 29.30 21.86
CA THR D 28 0.34 29.80 21.84
C THR D 28 -0.21 29.81 20.41
N THR D 29 -1.46 29.37 20.26
CA THR D 29 -2.16 29.35 18.99
C THR D 29 -3.51 30.03 19.12
N ILE D 30 -3.83 30.91 18.19
CA ILE D 30 -5.16 31.47 18.03
C ILE D 30 -5.58 31.21 16.59
N ASN D 31 -6.77 30.66 16.39
CA ASN D 31 -7.32 30.49 15.04
C ASN D 31 -7.96 31.79 14.56
N TYR D 32 -7.56 32.24 13.38
CA TYR D 32 -7.98 33.51 12.80
C TYR D 32 -9.14 33.37 11.82
N TYR D 33 -9.44 32.15 11.40
CA TYR D 33 -10.40 31.90 10.32
C TYR D 33 -11.60 31.10 10.78
N LYS D 34 -12.72 31.29 10.09
CA LYS D 34 -13.98 30.65 10.49
C LYS D 34 -14.12 29.21 10.00
N ASP D 35 -13.22 28.76 9.12
CA ASP D 35 -13.24 27.39 8.60
C ASP D 35 -12.08 26.60 9.20
N SER D 36 -12.35 25.42 9.76
CA SER D 36 -11.28 24.58 10.32
CA SER D 36 -11.28 24.58 10.32
C SER D 36 -10.26 24.15 9.27
N ALA D 37 -10.68 24.09 8.00
CA ALA D 37 -9.76 23.78 6.91
C ALA D 37 -8.57 24.75 6.85
N SER D 38 -8.79 25.99 7.30
CA SER D 38 -7.75 27.02 7.38
C SER D 38 -6.70 26.77 8.45
N ASN D 39 -7.00 25.91 9.41
CA ASN D 39 -6.11 25.70 10.55
C ASN D 39 -4.77 25.09 10.16
N ALA D 40 -3.78 25.34 11.01
CA ALA D 40 -2.48 24.72 10.90
C ALA D 40 -2.59 23.20 11.15
N ALA D 41 -1.47 22.51 11.08
CA ALA D 41 -1.44 21.05 11.21
C ALA D 41 -2.13 20.55 12.48
N SER D 42 -2.78 19.39 12.37
CA SER D 42 -3.31 18.71 13.54
C SER D 42 -2.19 18.46 14.55
N LYS D 43 -2.54 18.49 15.83
CA LYS D 43 -1.56 18.20 16.88
C LYS D 43 -1.10 16.75 16.80
N LEU D 44 0.12 16.48 17.23
CA LEU D 44 0.69 15.13 17.20
C LEU D 44 -0.27 14.11 17.78
N ASP D 45 -0.57 13.08 16.99
CA ASP D 45 -1.43 11.99 17.42
C ASP D 45 -0.60 10.72 17.44
N PHE D 46 -0.29 10.26 18.65
CA PHE D 46 0.55 9.08 18.85
C PHE D 46 -0.24 7.77 18.89
N SER D 47 -1.54 7.82 18.58
CA SER D 47 -2.36 6.61 18.50
C SER D 47 -1.71 5.59 17.58
N GLN D 48 -1.85 4.31 17.94
CA GLN D 48 -1.47 3.24 17.03
C GLN D 48 -2.05 1.92 17.50
N ASP D 49 -2.21 1.00 16.57
CA ASP D 49 -2.67 -0.35 16.87
C ASP D 49 -2.13 -1.25 15.78
N PRO D 50 -0.82 -1.56 15.85
CA PRO D 50 -0.22 -2.33 14.76
C PRO D 50 -0.89 -3.69 14.55
N SER D 51 -1.47 -4.25 15.61
CA SER D 51 -2.04 -5.60 15.57
C SER D 51 -3.18 -5.78 14.56
N LYS D 52 -3.86 -4.71 14.17
CA LYS D 52 -4.87 -4.83 13.12
C LYS D 52 -4.27 -5.23 11.76
N PHE D 53 -2.96 -4.98 11.60
CA PHE D 53 -2.21 -5.42 10.41
C PHE D 53 -1.22 -6.55 10.71
N THR D 54 -0.61 -6.55 11.89
CA THR D 54 0.44 -7.52 12.20
C THR D 54 -0.08 -8.80 12.83
N GLU D 55 -1.32 -8.78 13.31
CA GLU D 55 -1.88 -9.92 14.01
C GLU D 55 -3.42 -9.93 13.94
N PRO D 56 -4.00 -9.86 12.72
CA PRO D 56 -5.45 -9.76 12.59
C PRO D 56 -6.14 -11.12 12.66
N VAL D 57 -5.89 -11.85 13.74
CA VAL D 57 -6.35 -13.23 13.85
C VAL D 57 -7.59 -13.32 14.72
N LYS D 58 -8.43 -14.30 14.46
CA LYS D 58 -9.69 -14.46 15.18
C LYS D 58 -9.44 -14.93 16.62
N ASP D 59 -8.57 -15.92 16.78
CA ASP D 59 -8.28 -16.51 18.09
C ASP D 59 -6.95 -15.98 18.60
N ILE D 60 -6.94 -15.53 19.85
CA ILE D 60 -5.77 -14.91 20.47
C ILE D 60 -4.57 -15.85 20.39
N MET D 61 -3.41 -15.30 20.03
CA MET D 61 -2.16 -16.06 20.00
C MET D 61 -1.25 -15.54 21.10
N ILE D 62 -0.95 -16.40 22.07
CA ILE D 62 -0.02 -16.05 23.14
C ILE D 62 1.38 -16.42 22.66
N LYS D 63 2.27 -15.44 22.62
CA LYS D 63 3.63 -15.58 22.07
C LYS D 63 4.39 -16.83 22.57
N THR D 64 4.33 -17.00 23.91
CA THR D 64 5.01 -18.07 24.63
C THR D 64 4.38 -19.44 24.39
N ALA D 65 3.14 -19.44 23.91
CA ALA D 65 2.48 -20.67 23.53
C ALA D 65 2.76 -21.04 22.05
N PRO D 66 2.49 -22.31 21.70
CA PRO D 66 2.58 -22.71 20.31
C PRO D 66 1.53 -21.98 19.48
N ALA D 67 1.93 -21.48 18.33
CA ALA D 67 1.01 -20.81 17.41
C ALA D 67 -0.06 -21.77 16.95
N LEU D 68 0.31 -23.03 16.75
CA LEU D 68 -0.62 -24.07 16.33
C LEU D 68 -0.64 -25.18 17.37
N ASN D 69 -1.77 -25.29 18.05
CA ASN D 69 -1.99 -26.34 19.01
C ASN D 69 -3.35 -26.97 18.72
#